data_1EEZ
#
_entry.id   1EEZ
#
_cell.length_a   50.210
_cell.length_b   62.320
_cell.length_c   74.660
_cell.angle_alpha   82.15
_cell.angle_beta   76.38
_cell.angle_gamma   78.33
#
_symmetry.space_group_name_H-M   'P 1'
#
loop_
_entity.id
_entity.type
_entity.pdbx_description
1 polymer 'HLA-A2.1 MHC CLASS I (HEAVY CHAIN)'
2 polymer 'BETA-2-MICROGLOBULIN (LIGHT CHAIN)'
3 polymer 'GP2 PEPTIDE'
4 water water
#
loop_
_entity_poly.entity_id
_entity_poly.type
_entity_poly.pdbx_seq_one_letter_code
_entity_poly.pdbx_strand_id
1 'polypeptide(L)'
;GSHSMRYFFTSVSRPGRGEPRFIAVGYVDDTQFVRFDSDAASQRMEPRAPWIEQEGPEYWDGETRKVKAHSQTHRVDLGT
LRGYYNQSEAGSHTVQRMYGCDVGSDWRFLRGYHQYAYDGKDYIALKEDLRSWTAADMAAQTTKHKWEAAHVAEQLRAYL
EGTCVEWLRRYLENGKETLQRTDAPKTHMTHHAVSDHEATLRCWALSFYPAEITLTWQRDGEDQTQDTELVETRPAGDGT
FQKWAAVVVPSGQEQRYTCHVQHEGLPKPLTLRWE
;
A,D
2 'polypeptide(L)'
;MIQRTPKIQVYSRHPAENGKSNFLNCYVSGFHPSDIEVDLLKNGERIEKVEHSDLSFSKDWSFYLLYYTEFTPTEKDEYA
CRVNHVTLSQPKIVKWDRDM
;
B,E
3 'polypeptide(L)' ILSALVGIL C,F
#
# COMPACT_ATOMS: atom_id res chain seq x y z
N GLY A 1 -11.35 -5.97 21.34
CA GLY A 1 -12.47 -5.67 20.40
C GLY A 1 -12.01 -4.82 19.24
N SER A 2 -12.56 -5.10 18.05
CA SER A 2 -12.19 -4.34 16.88
C SER A 2 -12.91 -2.98 16.93
N HIS A 3 -12.40 -2.03 16.16
CA HIS A 3 -12.97 -0.69 16.13
C HIS A 3 -13.04 -0.14 14.71
N SER A 4 -13.65 1.03 14.57
CA SER A 4 -13.75 1.65 13.27
C SER A 4 -13.91 3.16 13.39
N MET A 5 -13.52 3.87 12.34
CA MET A 5 -13.68 5.32 12.30
C MET A 5 -14.45 5.63 11.04
N ARG A 6 -15.44 6.51 11.14
CA ARG A 6 -16.23 6.83 9.97
C ARG A 6 -16.69 8.26 9.88
N TYR A 7 -16.73 8.75 8.64
CA TYR A 7 -17.15 10.10 8.32
C TYR A 7 -18.36 10.01 7.37
N PHE A 8 -19.44 10.68 7.74
CA PHE A 8 -20.68 10.69 6.97
C PHE A 8 -20.95 12.11 6.46
N PHE A 9 -21.30 12.21 5.19
CA PHE A 9 -21.54 13.51 4.56
C PHE A 9 -22.88 13.54 3.83
N THR A 10 -23.69 14.55 4.13
CA THR A 10 -24.98 14.70 3.49
C THR A 10 -25.06 16.10 2.91
N SER A 11 -25.39 16.19 1.61
CA SER A 11 -25.51 17.49 0.96
C SER A 11 -26.88 17.53 0.30
N VAL A 12 -27.65 18.59 0.57
CA VAL A 12 -28.99 18.72 0.03
C VAL A 12 -29.25 20.03 -0.72
N SER A 13 -29.58 19.92 -1.99
CA SER A 13 -29.85 21.10 -2.83
C SER A 13 -31.16 21.79 -2.49
N ARG A 14 -31.10 23.10 -2.33
CA ARG A 14 -32.26 23.92 -2.00
C ARG A 14 -32.44 24.95 -3.11
N PRO A 15 -32.98 24.51 -4.26
CA PRO A 15 -33.22 25.36 -5.43
C PRO A 15 -34.01 26.64 -5.11
N GLY A 16 -33.40 27.79 -5.43
CA GLY A 16 -34.08 29.04 -5.20
C GLY A 16 -34.08 29.51 -3.76
N ARG A 17 -33.23 28.91 -2.92
CA ARG A 17 -33.17 29.32 -1.53
C ARG A 17 -31.79 29.15 -0.90
N GLY A 18 -30.77 29.55 -1.66
CA GLY A 18 -29.40 29.47 -1.17
C GLY A 18 -28.55 28.30 -1.62
N GLU A 19 -27.41 28.16 -0.95
CA GLU A 19 -26.47 27.08 -1.23
C GLU A 19 -27.02 25.78 -0.63
N PRO A 20 -26.57 24.64 -1.16
CA PRO A 20 -27.09 23.40 -0.58
C PRO A 20 -26.64 23.26 0.87
N ARG A 21 -27.43 22.53 1.66
CA ARG A 21 -27.11 22.31 3.08
C ARG A 21 -26.09 21.18 3.12
N PHE A 22 -25.04 21.37 3.90
CA PHE A 22 -23.99 20.36 4.02
C PHE A 22 -23.74 19.98 5.46
N ILE A 23 -23.99 18.72 5.80
CA ILE A 23 -23.77 18.24 7.16
C ILE A 23 -22.74 17.11 7.15
N ALA A 24 -21.71 17.26 7.97
CA ALA A 24 -20.66 16.27 8.08
C ALA A 24 -20.47 15.87 9.53
N VAL A 25 -20.39 14.58 9.79
CA VAL A 25 -20.17 14.09 11.15
C VAL A 25 -19.16 12.96 11.14
N GLY A 26 -18.38 12.86 12.21
CA GLY A 26 -17.38 11.82 12.31
C GLY A 26 -17.64 10.95 13.51
N TYR A 27 -17.35 9.67 13.37
CA TYR A 27 -17.56 8.71 14.46
C TYR A 27 -16.37 7.77 14.63
N VAL A 28 -16.26 7.34 15.86
CA VAL A 28 -15.34 6.29 16.27
C VAL A 28 -16.27 5.29 16.93
N ASP A 29 -16.37 4.13 16.34
CA ASP A 29 -17.33 3.14 16.81
C ASP A 29 -18.70 3.85 16.82
N ASP A 30 -19.39 3.83 17.96
CA ASP A 30 -20.69 4.48 18.06
C ASP A 30 -20.67 5.79 18.85
N THR A 31 -19.53 6.47 18.84
CA THR A 31 -19.37 7.74 19.55
C THR A 31 -19.02 8.83 18.53
N GLN A 32 -19.87 9.84 18.41
CA GLN A 32 -19.61 10.95 17.49
C GLN A 32 -18.55 11.84 18.15
N PHE A 33 -17.65 12.42 17.36
CA PHE A 33 -16.63 13.29 17.93
C PHE A 33 -16.46 14.65 17.23
N VAL A 34 -16.97 14.76 16.01
CA VAL A 34 -16.89 16.01 15.26
C VAL A 34 -18.14 16.22 14.42
N ARG A 35 -18.40 17.46 14.02
CA ARG A 35 -19.55 17.77 13.18
C ARG A 35 -19.30 19.08 12.44
N PHE A 36 -20.08 19.30 11.40
CA PHE A 36 -19.99 20.53 10.63
C PHE A 36 -21.35 20.77 10.01
N ASP A 37 -21.86 21.97 10.21
CA ASP A 37 -23.15 22.35 9.66
C ASP A 37 -22.96 23.62 8.83
N SER A 38 -23.20 23.51 7.53
CA SER A 38 -23.06 24.65 6.62
C SER A 38 -24.01 25.79 6.98
N ASP A 39 -25.09 25.49 7.70
CA ASP A 39 -26.06 26.51 8.09
C ASP A 39 -25.73 27.07 9.47
N ALA A 40 -24.74 26.48 10.15
CA ALA A 40 -24.36 26.95 11.47
C ALA A 40 -23.57 28.24 11.35
N ALA A 41 -23.63 29.05 12.40
CA ALA A 41 -22.94 30.33 12.40
C ALA A 41 -21.41 30.23 12.38
N SER A 42 -20.85 29.34 13.20
CA SER A 42 -19.40 29.17 13.31
C SER A 42 -18.63 28.91 12.03
N GLN A 43 -19.15 28.04 11.18
CA GLN A 43 -18.47 27.68 9.94
C GLN A 43 -17.14 26.99 10.25
N ARG A 44 -17.14 26.18 11.30
CA ARG A 44 -15.94 25.46 11.71
C ARG A 44 -16.26 24.04 12.13
N MET A 45 -15.26 23.17 12.05
CA MET A 45 -15.46 21.80 12.49
C MET A 45 -15.56 21.97 14.00
N GLU A 46 -16.52 21.29 14.63
CA GLU A 46 -16.69 21.43 16.05
C GLU A 46 -16.65 20.08 16.75
N PRO A 47 -16.12 20.04 17.97
CA PRO A 47 -16.02 18.82 18.77
C PRO A 47 -17.37 18.37 19.31
N ARG A 48 -17.59 17.07 19.37
CA ARG A 48 -18.88 16.55 19.87
C ARG A 48 -18.63 15.51 20.95
N ALA A 49 -17.39 15.42 21.39
CA ALA A 49 -17.02 14.47 22.44
C ALA A 49 -15.86 15.05 23.27
N PRO A 50 -15.79 14.70 24.55
CA PRO A 50 -14.76 15.16 25.48
C PRO A 50 -13.33 14.96 25.03
N TRP A 51 -12.99 13.72 24.67
CA TRP A 51 -11.64 13.38 24.27
C TRP A 51 -11.05 14.07 23.04
N ILE A 52 -11.87 14.77 22.27
CA ILE A 52 -11.33 15.44 21.09
C ILE A 52 -11.11 16.93 21.37
N GLU A 53 -11.76 17.45 22.41
CA GLU A 53 -11.64 18.86 22.76
C GLU A 53 -10.21 19.28 23.06
N GLN A 54 -9.41 18.37 23.59
CA GLN A 54 -8.03 18.70 23.90
C GLN A 54 -7.06 18.73 22.73
N GLU A 55 -7.59 18.65 21.51
CA GLU A 55 -6.73 18.76 20.32
C GLU A 55 -6.47 20.26 20.19
N GLY A 56 -5.25 20.63 19.81
CA GLY A 56 -4.91 22.05 19.69
C GLY A 56 -5.58 22.76 18.52
N PRO A 57 -5.42 24.09 18.44
CA PRO A 57 -6.02 24.89 17.35
C PRO A 57 -5.63 24.40 15.97
N GLU A 58 -4.40 23.91 15.83
CA GLU A 58 -3.93 23.42 14.55
C GLU A 58 -4.89 22.37 13.98
N TYR A 59 -5.31 21.42 14.84
CA TYR A 59 -6.23 20.37 14.43
C TYR A 59 -7.55 20.97 13.97
N TRP A 60 -8.14 21.85 14.77
CA TRP A 60 -9.40 22.46 14.39
C TRP A 60 -9.32 23.33 13.14
N ASP A 61 -8.23 24.06 12.95
CA ASP A 61 -8.10 24.87 11.75
C ASP A 61 -7.92 23.94 10.56
N GLY A 62 -7.20 22.85 10.76
CA GLY A 62 -6.98 21.92 9.67
C GLY A 62 -8.23 21.22 9.20
N GLU A 63 -8.99 20.65 10.14
CA GLU A 63 -10.22 19.93 9.78
C GLU A 63 -11.30 20.87 9.22
N THR A 64 -11.35 22.09 9.72
CA THR A 64 -12.30 23.08 9.24
C THR A 64 -11.98 23.33 7.78
N ARG A 65 -10.72 23.58 7.50
CA ARG A 65 -10.27 23.84 6.13
C ARG A 65 -10.64 22.68 5.20
N LYS A 66 -10.37 21.45 5.63
CA LYS A 66 -10.67 20.29 4.82
C LYS A 66 -12.15 19.96 4.71
N VAL A 67 -12.92 20.23 5.77
CA VAL A 67 -14.35 19.95 5.73
C VAL A 67 -15.01 20.95 4.80
N LYS A 68 -14.50 22.18 4.78
CA LYS A 68 -15.05 23.21 3.89
C LYS A 68 -14.81 22.77 2.45
N ALA A 69 -13.67 22.13 2.21
CA ALA A 69 -13.30 21.65 0.87
C ALA A 69 -14.23 20.51 0.47
N HIS A 70 -14.60 19.67 1.44
CA HIS A 70 -15.51 18.56 1.18
C HIS A 70 -16.84 19.17 0.78
N SER A 71 -17.26 20.18 1.53
CA SER A 71 -18.52 20.87 1.26
C SER A 71 -18.54 21.38 -0.18
N GLN A 72 -17.44 21.96 -0.62
CA GLN A 72 -17.34 22.50 -1.97
C GLN A 72 -17.44 21.42 -3.04
N THR A 73 -16.91 20.24 -2.73
CA THR A 73 -16.94 19.12 -3.66
C THR A 73 -18.38 18.65 -3.86
N HIS A 74 -19.10 18.47 -2.76
CA HIS A 74 -20.49 18.02 -2.85
C HIS A 74 -21.38 19.08 -3.46
N ARG A 75 -20.89 20.32 -3.48
CA ARG A 75 -21.66 21.41 -4.07
C ARG A 75 -21.56 21.32 -5.59
N VAL A 76 -20.44 20.81 -6.08
CA VAL A 76 -20.21 20.64 -7.51
C VAL A 76 -20.79 19.31 -7.98
N ASP A 77 -20.73 18.30 -7.12
CA ASP A 77 -21.26 16.99 -7.45
C ASP A 77 -22.75 17.07 -7.73
N LEU A 78 -23.47 17.81 -6.89
CA LEU A 78 -24.90 17.98 -7.02
C LEU A 78 -25.27 18.47 -8.42
N GLY A 79 -24.46 19.39 -8.94
CA GLY A 79 -24.71 19.93 -10.25
C GLY A 79 -24.35 18.93 -11.34
N THR A 80 -23.27 18.20 -11.12
CA THR A 80 -22.82 17.22 -12.07
C THR A 80 -23.90 16.15 -12.24
N LEU A 81 -24.34 15.57 -11.12
CA LEU A 81 -25.38 14.53 -11.13
C LEU A 81 -26.70 15.06 -11.69
N ARG A 82 -27.01 16.31 -11.38
CA ARG A 82 -28.23 16.96 -11.86
C ARG A 82 -28.24 16.89 -13.38
N GLY A 83 -27.04 16.98 -13.97
CA GLY A 83 -26.89 16.93 -15.40
C GLY A 83 -26.77 15.52 -15.93
N TYR A 84 -26.08 14.65 -15.18
CA TYR A 84 -25.91 13.25 -15.59
C TYR A 84 -27.27 12.59 -15.73
N TYR A 85 -28.25 13.09 -14.98
CA TYR A 85 -29.58 12.51 -15.02
C TYR A 85 -30.59 13.44 -15.68
N ASN A 86 -30.08 14.52 -16.28
CA ASN A 86 -30.92 15.52 -16.94
C ASN A 86 -32.11 15.81 -16.02
N GLN A 87 -31.85 16.52 -14.93
CA GLN A 87 -32.88 16.86 -13.97
C GLN A 87 -33.07 18.38 -13.90
N SER A 88 -34.28 18.80 -13.57
CA SER A 88 -34.61 20.21 -13.46
C SER A 88 -33.85 20.85 -12.32
N GLU A 89 -33.59 22.15 -12.43
CA GLU A 89 -32.87 22.86 -11.38
C GLU A 89 -33.84 23.21 -10.25
N ALA A 90 -35.09 22.81 -10.42
CA ALA A 90 -36.13 23.08 -9.43
C ALA A 90 -36.19 22.04 -8.32
N GLY A 91 -35.97 20.78 -8.68
CA GLY A 91 -36.04 19.71 -7.71
C GLY A 91 -34.94 19.68 -6.66
N SER A 92 -35.25 19.11 -5.50
CA SER A 92 -34.30 19.00 -4.41
C SER A 92 -33.69 17.60 -4.43
N HIS A 93 -32.37 17.51 -4.55
CA HIS A 93 -31.71 16.20 -4.57
C HIS A 93 -30.73 16.03 -3.44
N THR A 94 -30.42 14.78 -3.13
CA THR A 94 -29.51 14.48 -2.03
C THR A 94 -28.35 13.58 -2.43
N VAL A 95 -27.15 13.97 -2.01
CA VAL A 95 -25.96 13.17 -2.26
C VAL A 95 -25.38 12.81 -0.91
N GLN A 96 -24.95 11.56 -0.76
CA GLN A 96 -24.38 11.11 0.49
C GLN A 96 -23.03 10.45 0.24
N ARG A 97 -22.10 10.69 1.14
CA ARG A 97 -20.76 10.09 1.02
C ARG A 97 -20.38 9.50 2.38
N MET A 98 -19.76 8.33 2.36
CA MET A 98 -19.31 7.72 3.61
C MET A 98 -17.98 7.04 3.36
N TYR A 99 -17.00 7.30 4.23
CA TYR A 99 -15.71 6.65 4.12
C TYR A 99 -15.11 6.41 5.50
N GLY A 100 -14.29 5.37 5.59
CA GLY A 100 -13.67 5.05 6.87
C GLY A 100 -12.94 3.73 6.85
N CYS A 101 -12.44 3.34 8.02
CA CYS A 101 -11.68 2.11 8.18
C CYS A 101 -12.04 1.32 9.43
N ASP A 102 -11.78 0.01 9.38
CA ASP A 102 -12.01 -0.87 10.52
C ASP A 102 -10.66 -1.51 10.86
N VAL A 103 -10.38 -1.70 12.14
CA VAL A 103 -9.16 -2.37 12.56
C VAL A 103 -9.61 -3.56 13.38
N GLY A 104 -8.79 -4.61 13.46
CA GLY A 104 -9.17 -5.78 14.25
C GLY A 104 -8.96 -5.56 15.74
N SER A 105 -9.06 -6.63 16.51
CA SER A 105 -8.86 -6.52 17.96
C SER A 105 -7.40 -6.20 18.21
N ASP A 106 -6.58 -6.48 17.21
CA ASP A 106 -5.16 -6.19 17.26
C ASP A 106 -4.90 -4.80 16.71
N TRP A 107 -5.97 -4.02 16.51
CA TRP A 107 -5.87 -2.65 16.00
C TRP A 107 -5.20 -2.53 14.64
N ARG A 108 -5.13 -3.61 13.90
CA ARG A 108 -4.53 -3.59 12.58
C ARG A 108 -5.60 -3.45 11.51
N PHE A 109 -5.27 -2.82 10.39
CA PHE A 109 -6.22 -2.62 9.30
C PHE A 109 -6.94 -3.90 8.90
N LEU A 110 -8.26 -3.83 8.81
CA LEU A 110 -9.11 -4.97 8.46
C LEU A 110 -9.79 -4.67 7.11
N ARG A 111 -10.39 -3.50 6.98
CA ARG A 111 -11.00 -3.10 5.72
C ARG A 111 -11.24 -1.60 5.67
N GLY A 112 -11.41 -1.08 4.46
CA GLY A 112 -11.64 0.34 4.25
C GLY A 112 -12.85 0.57 3.37
N TYR A 113 -13.47 1.74 3.48
CA TYR A 113 -14.66 2.01 2.69
C TYR A 113 -14.67 3.43 2.18
N HIS A 114 -15.38 3.62 1.06
CA HIS A 114 -15.57 4.91 0.43
C HIS A 114 -16.75 4.68 -0.52
N GLN A 115 -17.95 5.00 -0.03
CA GLN A 115 -19.17 4.82 -0.80
C GLN A 115 -19.86 6.13 -1.09
N TYR A 116 -20.73 6.11 -2.08
CA TYR A 116 -21.43 7.31 -2.50
C TYR A 116 -22.86 6.95 -2.94
N ALA A 117 -23.82 7.77 -2.53
CA ALA A 117 -25.21 7.53 -2.92
C ALA A 117 -25.86 8.81 -3.46
N TYR A 118 -26.86 8.64 -4.31
CA TYR A 118 -27.60 9.76 -4.88
C TYR A 118 -29.09 9.52 -4.67
N ASP A 119 -29.74 10.49 -4.03
CA ASP A 119 -31.16 10.40 -3.71
C ASP A 119 -31.52 9.06 -3.08
N GLY A 120 -30.64 8.56 -2.21
CA GLY A 120 -30.93 7.31 -1.51
C GLY A 120 -30.46 6.03 -2.16
N LYS A 121 -29.99 6.09 -3.40
CA LYS A 121 -29.52 4.88 -4.09
C LYS A 121 -28.01 4.85 -4.25
N ASP A 122 -27.44 3.65 -4.15
CA ASP A 122 -26.01 3.50 -4.33
C ASP A 122 -25.67 4.07 -5.70
N TYR A 123 -24.53 4.74 -5.78
CA TYR A 123 -24.06 5.36 -6.99
C TYR A 123 -22.74 4.68 -7.36
N ILE A 124 -21.72 4.89 -6.54
CA ILE A 124 -20.43 4.27 -6.78
C ILE A 124 -19.79 3.95 -5.44
N ALA A 125 -19.03 2.86 -5.40
CA ALA A 125 -18.37 2.47 -4.16
C ALA A 125 -17.08 1.74 -4.44
N LEU A 126 -16.09 1.95 -3.59
CA LEU A 126 -14.79 1.31 -3.72
C LEU A 126 -14.96 -0.15 -3.28
N LYS A 127 -14.38 -1.07 -4.03
CA LYS A 127 -14.50 -2.47 -3.67
C LYS A 127 -13.51 -2.82 -2.58
N GLU A 128 -13.78 -3.90 -1.84
CA GLU A 128 -12.91 -4.33 -0.76
C GLU A 128 -11.40 -4.33 -1.08
N ASP A 129 -11.03 -4.65 -2.32
CA ASP A 129 -9.61 -4.67 -2.69
C ASP A 129 -9.01 -3.27 -2.78
N LEU A 130 -9.86 -2.25 -2.63
CA LEU A 130 -9.41 -0.87 -2.68
C LEU A 130 -8.67 -0.50 -3.98
N ARG A 131 -9.02 -1.17 -5.08
CA ARG A 131 -8.39 -0.88 -6.36
C ARG A 131 -9.42 -0.79 -7.50
N SER A 132 -10.60 -1.36 -7.27
CA SER A 132 -11.67 -1.35 -8.27
C SER A 132 -12.94 -0.70 -7.73
N TRP A 133 -13.83 -0.31 -8.64
CA TRP A 133 -15.07 0.34 -8.27
C TRP A 133 -16.34 -0.38 -8.69
N THR A 134 -17.41 -0.14 -7.94
CA THR A 134 -18.72 -0.72 -8.24
C THR A 134 -19.61 0.42 -8.72
N ALA A 135 -19.85 0.47 -10.03
CA ALA A 135 -20.70 1.50 -10.62
C ALA A 135 -22.15 1.03 -10.67
N ALA A 136 -23.02 1.73 -9.95
CA ALA A 136 -24.44 1.37 -9.90
C ALA A 136 -25.11 1.34 -11.27
N ASP A 137 -25.21 2.50 -11.92
CA ASP A 137 -25.85 2.57 -13.24
C ASP A 137 -24.94 3.06 -14.36
N MET A 138 -25.55 3.71 -15.35
CA MET A 138 -24.81 4.22 -16.50
C MET A 138 -24.11 5.52 -16.12
N ALA A 139 -24.82 6.36 -15.38
CA ALA A 139 -24.22 7.62 -14.95
C ALA A 139 -23.02 7.28 -14.07
N ALA A 140 -23.23 6.38 -13.11
CA ALA A 140 -22.15 5.97 -12.21
C ALA A 140 -20.89 5.50 -12.94
N GLN A 141 -21.06 4.89 -14.12
CA GLN A 141 -19.90 4.40 -14.88
C GLN A 141 -19.03 5.52 -15.43
N THR A 142 -19.63 6.67 -15.72
CA THR A 142 -18.86 7.80 -16.21
C THR A 142 -17.90 8.25 -15.10
N THR A 143 -18.40 8.28 -13.87
CA THR A 143 -17.58 8.70 -12.73
C THR A 143 -16.49 7.67 -12.50
N LYS A 144 -16.83 6.40 -12.68
CA LYS A 144 -15.90 5.31 -12.49
C LYS A 144 -14.71 5.40 -13.46
N HIS A 145 -14.99 5.73 -14.72
CA HIS A 145 -13.93 5.84 -15.72
C HIS A 145 -13.03 7.02 -15.37
N LYS A 146 -13.65 8.09 -14.88
CA LYS A 146 -12.91 9.29 -14.52
C LYS A 146 -12.05 9.09 -13.27
N TRP A 147 -12.54 8.31 -12.31
CA TRP A 147 -11.77 8.06 -11.09
C TRP A 147 -10.69 7.05 -11.40
N GLU A 148 -10.98 6.17 -12.35
CA GLU A 148 -10.01 5.18 -12.75
C GLU A 148 -8.88 5.94 -13.42
N ALA A 149 -9.23 6.71 -14.45
CA ALA A 149 -8.27 7.51 -15.20
C ALA A 149 -7.43 8.42 -14.31
N ALA A 150 -8.03 8.98 -13.27
CA ALA A 150 -7.33 9.88 -12.37
C ALA A 150 -6.60 9.12 -11.26
N HIS A 151 -6.75 7.80 -11.22
CA HIS A 151 -6.09 7.01 -10.18
C HIS A 151 -6.56 7.41 -8.79
N VAL A 152 -7.87 7.52 -8.61
CA VAL A 152 -8.45 7.91 -7.33
C VAL A 152 -8.32 6.80 -6.30
N ALA A 153 -8.56 5.57 -6.71
CA ALA A 153 -8.49 4.43 -5.80
C ALA A 153 -7.16 4.32 -5.07
N GLU A 154 -6.07 4.54 -5.79
CA GLU A 154 -4.75 4.44 -5.19
C GLU A 154 -4.58 5.42 -4.01
N GLN A 155 -5.06 6.64 -4.18
CA GLN A 155 -4.96 7.66 -3.15
C GLN A 155 -5.84 7.34 -1.94
N LEU A 156 -7.01 6.76 -2.17
CA LEU A 156 -7.89 6.40 -1.07
C LEU A 156 -7.26 5.26 -0.27
N ARG A 157 -6.61 4.35 -0.97
CA ARG A 157 -5.94 3.21 -0.35
C ARG A 157 -4.92 3.72 0.67
N ALA A 158 -4.12 4.69 0.25
CA ALA A 158 -3.09 5.27 1.12
C ALA A 158 -3.75 5.84 2.37
N TYR A 159 -4.88 6.51 2.20
CA TYR A 159 -5.60 7.10 3.32
C TYR A 159 -6.26 6.07 4.23
N LEU A 160 -6.97 5.11 3.64
CA LEU A 160 -7.68 4.09 4.40
C LEU A 160 -6.80 3.10 5.18
N GLU A 161 -5.64 2.77 4.64
CA GLU A 161 -4.72 1.85 5.29
C GLU A 161 -3.65 2.57 6.13
N GLY A 162 -3.51 3.87 5.94
CA GLY A 162 -2.52 4.63 6.69
C GLY A 162 -3.15 5.61 7.66
N THR A 163 -3.29 6.86 7.23
CA THR A 163 -3.85 7.90 8.07
C THR A 163 -5.08 7.44 8.86
N CYS A 164 -6.06 6.88 8.17
CA CYS A 164 -7.29 6.44 8.83
C CYS A 164 -7.05 5.53 10.03
N VAL A 165 -6.22 4.50 9.87
CA VAL A 165 -5.93 3.57 10.96
C VAL A 165 -5.08 4.22 12.04
N GLU A 166 -4.13 5.06 11.62
CA GLU A 166 -3.25 5.74 12.55
C GLU A 166 -4.00 6.70 13.45
N TRP A 167 -4.88 7.52 12.90
CA TRP A 167 -5.62 8.46 13.74
C TRP A 167 -6.67 7.72 14.56
N LEU A 168 -7.17 6.60 14.04
CA LEU A 168 -8.15 5.82 14.78
C LEU A 168 -7.43 5.38 16.06
N ARG A 169 -6.24 4.81 15.90
CA ARG A 169 -5.44 4.38 17.04
C ARG A 169 -5.18 5.53 18.01
N ARG A 170 -4.82 6.70 17.47
CA ARG A 170 -4.57 7.86 18.32
C ARG A 170 -5.82 8.22 19.10
N TYR A 171 -6.96 8.26 18.40
CA TYR A 171 -8.23 8.58 19.03
C TYR A 171 -8.61 7.58 20.10
N LEU A 172 -8.47 6.29 19.80
CA LEU A 172 -8.80 5.24 20.76
C LEU A 172 -7.98 5.42 22.04
N GLU A 173 -6.75 5.86 21.87
CA GLU A 173 -5.82 6.07 22.97
C GLU A 173 -6.19 7.31 23.78
N ASN A 174 -6.36 8.44 23.11
CA ASN A 174 -6.70 9.69 23.79
C ASN A 174 -8.04 9.62 24.52
N GLY A 175 -8.92 8.75 24.04
CA GLY A 175 -10.22 8.60 24.68
C GLY A 175 -10.42 7.23 25.31
N LYS A 176 -9.36 6.66 25.87
CA LYS A 176 -9.41 5.35 26.50
C LYS A 176 -10.62 5.15 27.42
N GLU A 177 -10.69 5.96 28.48
CA GLU A 177 -11.77 5.87 29.46
C GLU A 177 -13.16 5.83 28.82
N THR A 178 -13.26 6.41 27.62
CA THR A 178 -14.53 6.44 26.90
C THR A 178 -14.59 5.34 25.84
N LEU A 179 -13.94 5.57 24.71
CA LEU A 179 -13.91 4.63 23.58
C LEU A 179 -13.56 3.19 23.88
N GLN A 180 -12.71 2.96 24.88
CA GLN A 180 -12.31 1.60 25.22
C GLN A 180 -13.04 1.04 26.43
N ARG A 181 -14.13 1.69 26.80
CA ARG A 181 -14.93 1.24 27.93
C ARG A 181 -15.97 0.27 27.40
N THR A 182 -16.60 -0.45 28.31
CA THR A 182 -17.61 -1.41 27.94
C THR A 182 -18.66 -1.34 29.01
N ASP A 183 -19.77 -0.66 28.65
CA ASP A 183 -20.96 -0.45 29.49
C ASP A 183 -22.01 -1.56 29.36
N ALA A 184 -22.12 -2.39 30.39
CA ALA A 184 -23.10 -3.48 30.39
C ALA A 184 -24.49 -2.89 30.47
N PRO A 185 -25.47 -3.54 29.82
CA PRO A 185 -26.84 -3.04 29.85
C PRO A 185 -27.56 -3.33 31.18
N LYS A 186 -28.44 -2.43 31.56
CA LYS A 186 -29.23 -2.61 32.78
C LYS A 186 -30.49 -3.26 32.23
N THR A 187 -30.89 -4.38 32.82
CA THR A 187 -32.05 -5.09 32.32
C THR A 187 -33.23 -5.24 33.28
N HIS A 188 -34.42 -5.44 32.70
CA HIS A 188 -35.65 -5.63 33.46
C HIS A 188 -36.79 -6.05 32.54
N MET A 189 -37.88 -6.53 33.11
CA MET A 189 -39.03 -6.95 32.34
C MET A 189 -40.28 -6.23 32.83
N THR A 190 -41.24 -6.06 31.92
CA THR A 190 -42.51 -5.44 32.29
C THR A 190 -43.62 -6.43 31.95
N HIS A 191 -44.70 -6.40 32.72
CA HIS A 191 -45.82 -7.32 32.52
C HIS A 191 -47.09 -6.49 32.38
N HIS A 192 -47.72 -6.57 31.21
CA HIS A 192 -48.96 -5.85 30.93
C HIS A 192 -50.01 -6.86 30.50
N ALA A 193 -51.19 -6.79 31.09
CA ALA A 193 -52.27 -7.70 30.76
C ALA A 193 -53.06 -7.27 29.51
N VAL A 194 -52.74 -7.90 28.40
CA VAL A 194 -53.39 -7.62 27.12
C VAL A 194 -54.90 -7.73 27.31
N SER A 195 -55.34 -8.91 27.72
CA SER A 195 -56.75 -9.19 27.97
C SER A 195 -56.91 -10.16 29.16
N ASP A 196 -57.68 -11.22 28.95
CA ASP A 196 -57.92 -12.22 30.00
C ASP A 196 -56.98 -13.41 29.96
N HIS A 197 -56.72 -13.91 28.76
CA HIS A 197 -55.89 -15.09 28.57
C HIS A 197 -54.52 -14.83 27.96
N GLU A 198 -53.99 -13.61 28.12
CA GLU A 198 -52.68 -13.27 27.57
C GLU A 198 -52.07 -12.05 28.24
N ALA A 199 -50.77 -11.87 28.02
CA ALA A 199 -50.05 -10.73 28.58
C ALA A 199 -48.77 -10.47 27.78
N THR A 200 -48.36 -9.21 27.73
CA THR A 200 -47.16 -8.89 26.99
C THR A 200 -45.98 -8.85 27.92
N LEU A 201 -44.96 -9.62 27.58
CA LEU A 201 -43.76 -9.65 28.40
C LEU A 201 -42.72 -8.90 27.58
N ARG A 202 -42.17 -7.84 28.16
CA ARG A 202 -41.18 -7.04 27.46
C ARG A 202 -39.84 -7.09 28.17
N CYS A 203 -38.79 -7.37 27.43
CA CYS A 203 -37.46 -7.47 28.00
C CYS A 203 -36.67 -6.24 27.66
N TRP A 204 -36.15 -5.56 28.68
CA TRP A 204 -35.40 -4.33 28.49
C TRP A 204 -33.91 -4.43 28.73
N ALA A 205 -33.17 -3.68 27.92
CA ALA A 205 -31.71 -3.57 28.02
C ALA A 205 -31.50 -2.04 27.95
N LEU A 206 -30.95 -1.46 29.01
CA LEU A 206 -30.76 -0.01 29.05
C LEU A 206 -29.35 0.49 29.40
N SER A 207 -29.07 1.72 28.98
CA SER A 207 -27.79 2.38 29.27
C SER A 207 -26.54 1.57 28.90
N PHE A 208 -26.55 0.94 27.73
CA PHE A 208 -25.41 0.13 27.29
C PHE A 208 -24.65 0.74 26.12
N TYR A 209 -23.36 0.44 26.03
CA TYR A 209 -22.52 0.95 24.95
C TYR A 209 -21.43 -0.09 24.78
N PRO A 210 -21.07 -0.45 23.54
CA PRO A 210 -21.53 -0.02 22.23
C PRO A 210 -22.96 -0.46 21.88
N ALA A 211 -23.49 0.03 20.77
CA ALA A 211 -24.87 -0.28 20.36
C ALA A 211 -25.17 -1.76 20.09
N GLU A 212 -24.21 -2.47 19.53
CA GLU A 212 -24.40 -3.90 19.23
C GLU A 212 -24.89 -4.69 20.44
N ILE A 213 -25.98 -5.42 20.21
CA ILE A 213 -26.54 -6.24 21.27
C ILE A 213 -27.50 -7.24 20.64
N THR A 214 -27.68 -8.38 21.30
CA THR A 214 -28.61 -9.40 20.82
C THR A 214 -29.54 -9.70 21.98
N LEU A 215 -30.83 -9.46 21.74
CA LEU A 215 -31.87 -9.61 22.74
C LEU A 215 -32.96 -10.54 22.19
N THR A 216 -33.01 -11.77 22.68
CA THR A 216 -34.01 -12.71 22.20
C THR A 216 -34.87 -13.39 23.26
N TRP A 217 -36.00 -13.94 22.81
CA TRP A 217 -36.89 -14.66 23.71
C TRP A 217 -36.91 -16.14 23.32
N GLN A 218 -37.23 -16.98 24.29
CA GLN A 218 -37.30 -18.43 24.06
C GLN A 218 -38.46 -18.98 24.87
N ARG A 219 -39.06 -20.06 24.39
CA ARG A 219 -40.15 -20.73 25.12
C ARG A 219 -39.60 -22.14 25.21
N ASP A 220 -39.43 -22.64 26.43
CA ASP A 220 -38.86 -23.99 26.63
C ASP A 220 -37.55 -24.12 25.87
N GLY A 221 -36.74 -23.06 25.88
CA GLY A 221 -35.46 -23.11 25.19
C GLY A 221 -35.55 -23.06 23.67
N GLU A 222 -36.75 -22.76 23.14
CA GLU A 222 -36.93 -22.68 21.69
C GLU A 222 -36.99 -21.20 21.31
N ASP A 223 -36.29 -20.84 20.24
CA ASP A 223 -36.26 -19.47 19.75
C ASP A 223 -37.63 -18.98 19.27
N GLN A 224 -38.04 -17.82 19.77
CA GLN A 224 -39.33 -17.22 19.40
C GLN A 224 -39.17 -16.07 18.41
N THR A 225 -38.23 -16.20 17.49
CA THR A 225 -37.95 -15.17 16.49
C THR A 225 -39.21 -14.56 15.87
N GLN A 226 -40.00 -15.41 15.24
CA GLN A 226 -41.20 -14.99 14.57
C GLN A 226 -42.29 -14.39 15.44
N ASP A 227 -42.26 -14.73 16.73
CA ASP A 227 -43.26 -14.23 17.67
C ASP A 227 -42.69 -13.14 18.58
N THR A 228 -41.51 -12.61 18.23
CA THR A 228 -40.92 -11.55 19.03
C THR A 228 -41.06 -10.18 18.39
N GLU A 229 -41.47 -9.23 19.22
CA GLU A 229 -41.66 -7.84 18.84
C GLU A 229 -40.30 -7.25 19.23
N LEU A 230 -39.51 -6.84 18.24
CA LEU A 230 -38.17 -6.34 18.50
C LEU A 230 -37.94 -4.96 17.89
N VAL A 231 -37.77 -3.94 18.73
CA VAL A 231 -37.56 -2.58 18.23
C VAL A 231 -36.13 -2.24 17.81
N GLU A 232 -36.01 -1.15 17.06
CA GLU A 232 -34.72 -0.67 16.61
C GLU A 232 -33.96 -0.09 17.81
N THR A 233 -32.70 -0.48 17.97
CA THR A 233 -31.87 0.02 19.07
C THR A 233 -31.82 1.56 18.98
N ARG A 234 -32.27 2.26 20.03
CA ARG A 234 -32.26 3.72 20.02
C ARG A 234 -31.21 4.32 20.96
N PRO A 235 -30.87 5.61 20.75
CA PRO A 235 -29.88 6.29 21.59
C PRO A 235 -30.55 6.94 22.79
N ALA A 236 -29.88 6.90 23.93
CA ALA A 236 -30.44 7.48 25.15
C ALA A 236 -30.28 9.00 25.14
N GLY A 237 -29.33 9.48 24.35
CA GLY A 237 -29.09 10.91 24.29
C GLY A 237 -27.87 11.27 25.12
N ASP A 238 -27.36 10.29 25.88
CA ASP A 238 -26.19 10.50 26.72
C ASP A 238 -25.02 9.60 26.31
N GLY A 239 -25.09 9.04 25.11
CA GLY A 239 -23.99 8.20 24.66
C GLY A 239 -24.30 6.72 24.84
N THR A 240 -25.36 6.39 25.56
CA THR A 240 -25.72 4.97 25.71
C THR A 240 -26.92 4.64 24.84
N PHE A 241 -27.19 3.36 24.67
CA PHE A 241 -28.32 2.95 23.85
C PHE A 241 -29.39 2.19 24.64
N GLN A 242 -30.50 1.88 23.97
CA GLN A 242 -31.62 1.19 24.61
C GLN A 242 -32.32 0.32 23.57
N LYS A 243 -32.92 -0.79 24.03
CA LYS A 243 -33.60 -1.72 23.14
C LYS A 243 -34.52 -2.64 23.93
N TRP A 244 -35.54 -3.16 23.27
CA TRP A 244 -36.43 -4.12 23.92
C TRP A 244 -37.03 -5.15 22.98
N ALA A 245 -37.33 -6.31 23.55
CA ALA A 245 -37.92 -7.43 22.85
C ALA A 245 -39.12 -7.89 23.67
N ALA A 246 -40.27 -8.06 23.02
CA ALA A 246 -41.49 -8.49 23.70
C ALA A 246 -42.17 -9.64 22.97
N VAL A 247 -43.00 -10.37 23.71
CA VAL A 247 -43.74 -11.52 23.19
C VAL A 247 -45.08 -11.56 23.91
N VAL A 248 -46.05 -12.27 23.35
CA VAL A 248 -47.36 -12.40 23.98
C VAL A 248 -47.36 -13.76 24.65
N VAL A 249 -47.66 -13.79 25.94
CA VAL A 249 -47.64 -15.02 26.71
C VAL A 249 -49.00 -15.49 27.22
N PRO A 250 -49.42 -16.71 26.82
CA PRO A 250 -50.70 -17.30 27.25
C PRO A 250 -50.71 -17.47 28.76
N SER A 251 -51.87 -17.32 29.36
CA SER A 251 -52.01 -17.45 30.81
C SER A 251 -51.33 -18.69 31.40
N GLY A 252 -50.66 -18.47 32.54
CA GLY A 252 -49.97 -19.54 33.22
C GLY A 252 -48.72 -20.05 32.53
N GLN A 253 -48.23 -19.31 31.54
CA GLN A 253 -47.04 -19.74 30.82
C GLN A 253 -45.81 -18.85 30.96
N GLU A 254 -45.79 -17.97 31.97
CA GLU A 254 -44.61 -17.10 32.12
C GLU A 254 -43.35 -17.93 32.40
N GLN A 255 -43.53 -19.06 33.07
CA GLN A 255 -42.43 -19.96 33.43
C GLN A 255 -41.67 -20.50 32.23
N ARG A 256 -42.39 -20.64 31.11
CA ARG A 256 -41.80 -21.20 29.89
C ARG A 256 -40.85 -20.26 29.14
N TYR A 257 -40.99 -18.95 29.34
CA TYR A 257 -40.17 -17.97 28.62
C TYR A 257 -38.92 -17.41 29.31
N THR A 258 -37.82 -17.35 28.57
CA THR A 258 -36.58 -16.79 29.09
C THR A 258 -36.10 -15.70 28.14
N CYS A 259 -35.55 -14.62 28.68
CA CYS A 259 -35.01 -13.54 27.85
C CYS A 259 -33.51 -13.69 27.89
N HIS A 260 -32.87 -13.64 26.72
CA HIS A 260 -31.42 -13.80 26.67
C HIS A 260 -30.80 -12.53 26.09
N VAL A 261 -29.87 -11.97 26.86
CA VAL A 261 -29.17 -10.74 26.50
C VAL A 261 -27.69 -10.98 26.25
N GLN A 262 -27.26 -10.71 25.03
CA GLN A 262 -25.87 -10.86 24.66
C GLN A 262 -25.29 -9.49 24.38
N HIS A 263 -24.29 -9.11 25.17
CA HIS A 263 -23.64 -7.81 24.99
C HIS A 263 -22.18 -7.88 25.44
N GLU A 264 -21.33 -7.12 24.75
CA GLU A 264 -19.91 -7.11 25.07
C GLU A 264 -19.62 -6.70 26.53
N GLY A 265 -20.51 -5.89 27.11
CA GLY A 265 -20.34 -5.44 28.48
C GLY A 265 -20.74 -6.44 29.54
N LEU A 266 -21.22 -7.60 29.13
CA LEU A 266 -21.65 -8.63 30.07
C LEU A 266 -20.53 -9.63 30.33
N PRO A 267 -20.30 -9.97 31.61
CA PRO A 267 -19.23 -10.93 31.88
C PRO A 267 -19.63 -12.27 31.27
N LYS A 268 -20.94 -12.50 31.23
CA LYS A 268 -21.51 -13.73 30.67
C LYS A 268 -22.93 -13.37 30.23
N PRO A 269 -23.46 -14.07 29.21
CA PRO A 269 -24.81 -13.72 28.78
C PRO A 269 -25.80 -13.83 29.93
N LEU A 270 -26.89 -13.09 29.86
CA LEU A 270 -27.90 -13.09 30.91
C LEU A 270 -29.13 -13.88 30.46
N THR A 271 -29.76 -14.53 31.43
CA THR A 271 -30.96 -15.31 31.21
C THR A 271 -31.96 -14.78 32.23
N LEU A 272 -32.91 -13.99 31.76
CA LEU A 272 -33.92 -13.41 32.63
C LEU A 272 -35.21 -14.19 32.46
N ARG A 273 -36.00 -14.24 33.52
CA ARG A 273 -37.27 -14.94 33.48
C ARG A 273 -38.21 -14.17 34.36
N TRP A 274 -39.46 -14.08 33.97
CA TRP A 274 -40.41 -13.38 34.82
C TRP A 274 -40.64 -14.31 36.02
N GLU A 275 -40.36 -13.79 37.21
CA GLU A 275 -40.53 -14.55 38.44
C GLU A 275 -40.15 -13.64 39.59
N MET B 1 -38.33 9.19 -7.37
CA MET B 1 -37.13 9.06 -6.48
C MET B 1 -37.45 8.27 -5.22
N ILE B 2 -36.42 7.76 -4.57
CA ILE B 2 -36.57 6.98 -3.36
C ILE B 2 -37.22 7.78 -2.24
N GLN B 3 -38.08 7.12 -1.48
CA GLN B 3 -38.78 7.73 -0.35
C GLN B 3 -39.04 6.66 0.68
N ARG B 4 -38.44 6.83 1.86
CA ARG B 4 -38.59 5.91 2.97
C ARG B 4 -39.32 6.60 4.13
N THR B 5 -40.30 5.92 4.71
CA THR B 5 -41.08 6.49 5.80
C THR B 5 -40.34 6.39 7.13
N PRO B 6 -40.31 7.47 7.89
CA PRO B 6 -39.63 7.49 9.18
C PRO B 6 -40.26 6.64 10.27
N LYS B 7 -39.43 5.91 10.99
CA LYS B 7 -39.92 5.10 12.12
C LYS B 7 -39.79 6.07 13.30
N ILE B 8 -40.72 5.96 14.25
CA ILE B 8 -40.75 6.86 15.39
C ILE B 8 -40.77 6.19 16.77
N GLN B 9 -39.95 6.71 17.68
CA GLN B 9 -39.91 6.20 19.04
C GLN B 9 -39.85 7.35 20.04
N VAL B 10 -40.84 7.40 20.94
CA VAL B 10 -40.91 8.44 21.95
C VAL B 10 -40.66 7.79 23.30
N TYR B 11 -39.62 8.25 23.98
CA TYR B 11 -39.23 7.70 25.26
C TYR B 11 -38.38 8.69 26.05
N SER B 12 -38.22 8.43 27.34
CA SER B 12 -37.41 9.28 28.20
C SER B 12 -36.01 8.64 28.32
N ARG B 13 -35.00 9.45 28.62
CA ARG B 13 -33.63 8.97 28.76
C ARG B 13 -33.47 8.03 29.94
N HIS B 14 -34.12 8.38 31.05
CA HIS B 14 -34.07 7.60 32.28
C HIS B 14 -35.48 7.15 32.61
N PRO B 15 -35.61 6.14 33.48
CA PRO B 15 -36.96 5.69 33.85
C PRO B 15 -37.72 6.92 34.39
N ALA B 16 -38.98 7.07 34.03
CA ALA B 16 -39.79 8.19 34.46
C ALA B 16 -40.23 8.14 35.92
N GLU B 17 -39.85 9.16 36.69
CA GLU B 17 -40.24 9.25 38.09
C GLU B 17 -40.87 10.62 38.26
N ASN B 18 -42.13 10.68 38.66
CA ASN B 18 -42.78 11.98 38.81
C ASN B 18 -41.97 12.97 39.65
N GLY B 19 -41.81 14.19 39.13
CA GLY B 19 -41.07 15.22 39.83
C GLY B 19 -39.56 15.21 39.66
N LYS B 20 -39.04 14.37 38.79
CA LYS B 20 -37.59 14.32 38.62
C LYS B 20 -37.09 14.62 37.22
N SER B 21 -36.14 15.54 37.14
CA SER B 21 -35.54 15.96 35.86
C SER B 21 -35.14 14.80 34.99
N ASN B 22 -35.50 14.88 33.72
CA ASN B 22 -35.22 13.81 32.78
C ASN B 22 -35.13 14.44 31.39
N PHE B 23 -35.09 13.60 30.37
CA PHE B 23 -35.06 14.07 29.01
C PHE B 23 -36.13 13.30 28.22
N LEU B 24 -36.94 14.03 27.46
CA LEU B 24 -37.95 13.40 26.65
C LEU B 24 -37.34 13.28 25.26
N ASN B 25 -37.29 12.07 24.72
CA ASN B 25 -36.71 11.84 23.41
C ASN B 25 -37.70 11.37 22.34
N CYS B 26 -37.39 11.72 21.09
CA CYS B 26 -38.15 11.26 19.94
C CYS B 26 -37.10 10.98 18.88
N TYR B 27 -36.90 9.70 18.61
CA TYR B 27 -35.94 9.22 17.66
C TYR B 27 -36.61 8.84 16.34
N VAL B 28 -36.28 9.57 15.28
CA VAL B 28 -36.81 9.29 13.95
C VAL B 28 -35.70 8.62 13.14
N SER B 29 -36.03 7.56 12.41
CA SER B 29 -35.02 6.87 11.62
C SER B 29 -35.61 6.18 10.40
N GLY B 30 -34.71 5.68 9.53
CA GLY B 30 -35.11 4.99 8.33
C GLY B 30 -35.86 5.79 7.29
N PHE B 31 -35.77 7.12 7.35
CA PHE B 31 -36.48 7.96 6.38
C PHE B 31 -35.60 8.55 5.27
N HIS B 32 -36.26 9.04 4.23
CA HIS B 32 -35.57 9.63 3.10
C HIS B 32 -36.60 10.27 2.17
N PRO B 33 -36.33 11.50 1.69
CA PRO B 33 -35.15 12.35 1.94
C PRO B 33 -35.08 12.87 3.37
N SER B 34 -34.04 13.66 3.65
CA SER B 34 -33.81 14.18 5.00
C SER B 34 -34.72 15.27 5.56
N ASP B 35 -35.37 16.05 4.70
CA ASP B 35 -36.26 17.09 5.20
C ASP B 35 -37.34 16.41 6.02
N ILE B 36 -37.45 16.81 7.28
CA ILE B 36 -38.44 16.21 8.17
C ILE B 36 -38.82 17.18 9.27
N GLU B 37 -40.09 17.16 9.63
CA GLU B 37 -40.64 18.05 10.65
C GLU B 37 -40.92 17.22 11.92
N VAL B 38 -40.19 17.52 12.99
CA VAL B 38 -40.36 16.80 14.25
C VAL B 38 -40.65 17.73 15.43
N ASP B 39 -41.76 17.50 16.12
CA ASP B 39 -42.10 18.31 17.29
C ASP B 39 -42.45 17.46 18.50
N LEU B 40 -42.08 17.94 19.68
CA LEU B 40 -42.38 17.25 20.91
C LEU B 40 -43.56 18.02 21.53
N LEU B 41 -44.61 17.31 21.92
CA LEU B 41 -45.79 17.96 22.49
C LEU B 41 -46.01 17.72 23.98
N LYS B 42 -46.53 18.75 24.65
CA LYS B 42 -46.83 18.67 26.07
C LYS B 42 -48.31 19.05 26.19
N ASN B 43 -49.15 18.06 26.44
CA ASN B 43 -50.58 18.30 26.55
C ASN B 43 -51.11 18.93 25.27
N GLY B 44 -50.59 18.47 24.14
CA GLY B 44 -51.03 18.99 22.86
C GLY B 44 -50.31 20.22 22.31
N GLU B 45 -49.54 20.91 23.15
CA GLU B 45 -48.84 22.11 22.71
C GLU B 45 -47.39 21.82 22.33
N ARG B 46 -46.92 22.44 21.26
CA ARG B 46 -45.55 22.26 20.80
C ARG B 46 -44.53 22.79 21.81
N ILE B 47 -43.58 21.96 22.23
CA ILE B 47 -42.56 22.40 23.18
C ILE B 47 -41.53 23.24 22.41
N GLU B 48 -41.20 24.40 22.94
CA GLU B 48 -40.26 25.33 22.30
C GLU B 48 -38.77 24.97 22.29
N LYS B 49 -38.23 24.60 23.45
CA LYS B 49 -36.80 24.29 23.48
C LYS B 49 -36.49 22.84 23.13
N VAL B 50 -36.54 22.52 21.83
CA VAL B 50 -36.23 21.16 21.40
C VAL B 50 -34.98 21.14 20.53
N GLU B 51 -33.98 20.40 20.96
CA GLU B 51 -32.73 20.29 20.23
C GLU B 51 -32.69 18.96 19.49
N HIS B 52 -31.71 18.78 18.60
CA HIS B 52 -31.62 17.52 17.87
C HIS B 52 -30.19 17.24 17.45
N SER B 53 -29.89 15.94 17.36
CA SER B 53 -28.57 15.47 16.96
C SER B 53 -28.27 15.93 15.54
N ASP B 54 -27.01 15.80 15.14
CA ASP B 54 -26.56 16.17 13.81
C ASP B 54 -26.99 15.09 12.83
N LEU B 55 -27.57 15.51 11.72
CA LEU B 55 -28.03 14.58 10.69
C LEU B 55 -26.97 13.55 10.30
N SER B 56 -27.36 12.28 10.36
CA SER B 56 -26.48 11.17 10.01
C SER B 56 -27.32 10.06 9.41
N PHE B 57 -26.69 9.00 8.93
CA PHE B 57 -27.44 7.91 8.32
C PHE B 57 -26.86 6.53 8.60
N SER B 58 -27.63 5.50 8.25
CA SER B 58 -27.24 4.11 8.47
C SER B 58 -26.61 3.48 7.22
N LYS B 59 -26.18 2.23 7.35
CA LYS B 59 -25.57 1.51 6.24
C LYS B 59 -26.37 1.59 4.95
N ASP B 60 -27.71 1.54 5.07
CA ASP B 60 -28.57 1.59 3.90
C ASP B 60 -28.92 3.02 3.41
N TRP B 61 -28.19 4.02 3.91
CA TRP B 61 -28.37 5.42 3.56
C TRP B 61 -29.57 6.13 4.20
N SER B 62 -30.49 5.38 4.82
CA SER B 62 -31.63 6.03 5.45
C SER B 62 -31.16 6.88 6.64
N PHE B 63 -31.76 8.06 6.79
CA PHE B 63 -31.41 9.00 7.85
C PHE B 63 -31.97 8.71 9.24
N TYR B 64 -31.32 9.30 10.24
CA TYR B 64 -31.77 9.19 11.62
C TYR B 64 -31.32 10.42 12.40
N LEU B 65 -32.22 10.93 13.24
CA LEU B 65 -32.00 12.13 14.04
C LEU B 65 -32.64 11.94 15.41
N LEU B 66 -32.04 12.54 16.43
CA LEU B 66 -32.60 12.45 17.78
C LEU B 66 -33.06 13.82 18.25
N TYR B 67 -34.35 13.95 18.54
CA TYR B 67 -34.91 15.19 19.06
C TYR B 67 -35.12 15.00 20.55
N TYR B 68 -34.78 16.01 21.34
CA TYR B 68 -34.87 15.89 22.78
C TYR B 68 -34.99 17.21 23.49
N THR B 69 -35.61 17.17 24.65
CA THR B 69 -35.78 18.36 25.48
C THR B 69 -35.75 17.90 26.93
N GLU B 70 -35.32 18.77 27.81
CA GLU B 70 -35.25 18.46 29.23
C GLU B 70 -36.68 18.59 29.77
N PHE B 71 -37.08 17.73 30.69
CA PHE B 71 -38.43 17.83 31.25
C PHE B 71 -38.55 17.06 32.56
N THR B 72 -39.63 17.34 33.28
CA THR B 72 -39.89 16.69 34.57
C THR B 72 -41.24 15.99 34.48
N PRO B 73 -41.24 14.66 34.29
CA PRO B 73 -42.52 13.97 34.20
C PRO B 73 -43.38 14.10 35.45
N THR B 74 -44.62 14.51 35.22
CA THR B 74 -45.60 14.68 36.27
C THR B 74 -46.62 13.57 36.02
N GLU B 75 -47.44 13.23 37.01
CA GLU B 75 -48.42 12.16 36.80
C GLU B 75 -49.58 12.59 35.91
N LYS B 76 -49.78 13.90 35.80
CA LYS B 76 -50.87 14.44 35.00
C LYS B 76 -50.51 14.80 33.56
N ASP B 77 -49.25 15.15 33.32
CA ASP B 77 -48.84 15.56 31.99
C ASP B 77 -48.65 14.47 30.95
N GLU B 78 -49.19 14.74 29.77
CA GLU B 78 -49.09 13.83 28.66
C GLU B 78 -48.18 14.45 27.61
N TYR B 79 -47.36 13.60 26.99
CA TYR B 79 -46.42 14.04 25.99
C TYR B 79 -46.54 13.19 24.73
N ALA B 80 -46.08 13.73 23.61
CA ALA B 80 -46.16 13.00 22.37
C ALA B 80 -45.18 13.56 21.36
N CYS B 81 -45.08 12.89 20.22
CA CYS B 81 -44.18 13.36 19.18
C CYS B 81 -44.93 13.38 17.87
N ARG B 82 -45.02 14.57 17.29
CA ARG B 82 -45.69 14.73 16.00
C ARG B 82 -44.63 14.87 14.92
N VAL B 83 -44.70 14.01 13.91
CA VAL B 83 -43.72 14.01 12.83
C VAL B 83 -44.39 14.20 11.47
N ASN B 84 -43.71 14.92 10.59
CA ASN B 84 -44.25 15.09 9.26
C ASN B 84 -43.10 14.96 8.27
N HIS B 85 -43.39 14.27 7.18
CA HIS B 85 -42.40 13.99 6.15
C HIS B 85 -43.16 13.72 4.85
N VAL B 86 -42.48 13.82 3.72
CA VAL B 86 -43.13 13.62 2.43
C VAL B 86 -43.87 12.28 2.25
N THR B 87 -43.52 11.28 3.05
CA THR B 87 -44.16 9.97 2.94
C THR B 87 -45.38 9.83 3.85
N LEU B 88 -45.80 10.93 4.47
CA LEU B 88 -46.95 10.93 5.36
C LEU B 88 -48.00 11.92 4.89
N SER B 89 -49.22 11.44 4.70
CA SER B 89 -50.32 12.28 4.24
C SER B 89 -50.67 13.36 5.27
N GLN B 90 -50.64 13.00 6.54
CA GLN B 90 -50.94 13.96 7.61
C GLN B 90 -49.91 13.77 8.72
N PRO B 91 -49.74 14.79 9.57
CA PRO B 91 -48.75 14.65 10.66
C PRO B 91 -48.99 13.33 11.37
N LYS B 92 -47.91 12.67 11.78
CA LYS B 92 -48.00 11.41 12.49
C LYS B 92 -47.70 11.72 13.95
N ILE B 93 -48.62 11.39 14.84
CA ILE B 93 -48.43 11.65 16.25
C ILE B 93 -48.32 10.37 17.09
N VAL B 94 -47.22 10.23 17.83
CA VAL B 94 -47.01 9.06 18.68
C VAL B 94 -46.91 9.51 20.13
N LYS B 95 -47.76 8.94 20.98
CA LYS B 95 -47.80 9.28 22.38
C LYS B 95 -46.72 8.63 23.23
N TRP B 96 -46.28 9.34 24.26
CA TRP B 96 -45.29 8.82 25.17
C TRP B 96 -46.02 7.90 26.14
N ASP B 97 -45.44 6.73 26.36
CA ASP B 97 -46.03 5.75 27.25
C ASP B 97 -44.89 5.31 28.17
N ARG B 98 -45.01 5.60 29.47
CA ARG B 98 -43.97 5.24 30.42
C ARG B 98 -43.54 3.78 30.34
N ASP B 99 -44.24 2.99 29.51
CA ASP B 99 -43.92 1.57 29.36
C ASP B 99 -43.41 1.13 27.97
N MET B 100 -42.87 2.08 27.21
CA MET B 100 -42.33 1.80 25.87
C MET B 100 -41.14 2.70 25.53
N ILE C 1 -9.00 11.94 11.46
CA ILE C 1 -9.03 13.15 10.60
C ILE C 1 -9.51 12.85 9.20
N LEU C 2 -10.02 13.89 8.54
CA LEU C 2 -10.57 13.82 7.21
C LEU C 2 -9.57 13.40 6.16
N SER C 3 -10.08 12.95 5.02
CA SER C 3 -9.18 12.54 3.96
C SER C 3 -8.77 13.90 3.38
N ALA C 4 -7.49 14.04 3.04
CA ALA C 4 -6.97 15.29 2.50
C ALA C 4 -7.30 15.50 1.04
N LEU C 5 -7.74 14.43 0.37
CA LEU C 5 -8.07 14.48 -1.04
C LEU C 5 -9.51 14.09 -1.31
N VAL C 6 -10.31 15.07 -1.73
CA VAL C 6 -11.74 14.87 -2.05
C VAL C 6 -11.95 15.16 -3.54
N GLY C 7 -11.54 14.25 -4.42
CA GLY C 7 -11.74 14.50 -5.85
C GLY C 7 -13.23 14.68 -6.14
N ILE C 8 -13.57 15.32 -7.27
CA ILE C 8 -14.97 15.52 -7.65
C ILE C 8 -15.36 14.46 -8.67
N LEU C 9 -16.65 14.17 -8.74
CA LEU C 9 -17.17 13.19 -9.69
C LEU C 9 -16.72 13.62 -11.07
N GLY D 1 8.47 3.53 -13.24
CA GLY D 1 9.95 3.48 -13.21
C GLY D 1 10.53 3.27 -14.60
N SER D 2 11.68 3.89 -14.85
CA SER D 2 12.31 3.76 -16.14
C SER D 2 13.03 2.42 -16.23
N HIS D 3 13.32 1.98 -17.44
CA HIS D 3 13.98 0.70 -17.67
C HIS D 3 15.07 0.79 -18.74
N SER D 4 15.77 -0.31 -18.96
CA SER D 4 16.81 -0.34 -19.95
C SER D 4 17.07 -1.75 -20.42
N MET D 5 17.61 -1.88 -21.62
CA MET D 5 17.98 -3.19 -22.17
C MET D 5 19.43 -3.07 -22.58
N ARG D 6 20.23 -4.08 -22.24
CA ARG D 6 21.65 -4.01 -22.58
C ARG D 6 22.28 -5.32 -22.95
N TYR D 7 23.21 -5.24 -23.90
CA TYR D 7 23.96 -6.38 -24.40
C TYR D 7 25.45 -6.11 -24.16
N PHE D 8 26.10 -7.06 -23.51
CA PHE D 8 27.52 -6.97 -23.17
C PHE D 8 28.27 -8.06 -23.93
N PHE D 9 29.39 -7.70 -24.53
CA PHE D 9 30.20 -8.64 -25.31
C PHE D 9 31.66 -8.60 -24.91
N THR D 10 32.21 -9.76 -24.59
CA THR D 10 33.61 -9.85 -24.20
C THR D 10 34.31 -10.87 -25.11
N SER D 11 35.40 -10.46 -25.77
CA SER D 11 36.14 -11.35 -26.64
C SER D 11 37.60 -11.36 -26.18
N VAL D 12 38.13 -12.55 -25.92
CA VAL D 12 39.50 -12.70 -25.43
C VAL D 12 40.40 -13.60 -26.30
N SER D 13 41.47 -13.04 -26.83
CA SER D 13 42.40 -13.77 -27.68
C SER D 13 43.26 -14.77 -26.90
N ARG D 14 43.32 -15.99 -27.39
CA ARG D 14 44.11 -17.06 -26.77
C ARG D 14 45.14 -17.54 -27.78
N PRO D 15 46.21 -16.77 -27.96
CA PRO D 15 47.30 -17.08 -28.90
C PRO D 15 47.88 -18.48 -28.74
N GLY D 16 47.83 -19.25 -29.82
CA GLY D 16 48.38 -20.60 -29.78
C GLY D 16 47.51 -21.62 -29.06
N ARG D 17 46.24 -21.28 -28.84
CA ARG D 17 45.34 -22.23 -28.18
C ARG D 17 43.90 -22.09 -28.63
N GLY D 18 43.71 -21.94 -29.93
CA GLY D 18 42.37 -21.84 -30.49
C GLY D 18 41.85 -20.46 -30.84
N GLU D 19 40.55 -20.40 -31.11
CA GLU D 19 39.87 -19.15 -31.44
C GLU D 19 39.68 -18.35 -30.17
N PRO D 20 39.51 -17.03 -30.29
CA PRO D 20 39.31 -16.26 -29.05
C PRO D 20 37.99 -16.67 -28.40
N ARG D 21 37.92 -16.51 -27.07
CA ARG D 21 36.73 -16.83 -26.30
C ARG D 21 35.75 -15.68 -26.46
N PHE D 22 34.49 -15.99 -26.78
CA PHE D 22 33.50 -14.94 -26.95
C PHE D 22 32.28 -15.17 -26.04
N ILE D 23 32.03 -14.22 -25.14
CA ILE D 23 30.90 -14.33 -24.23
C ILE D 23 29.97 -13.13 -24.43
N ALA D 24 28.69 -13.42 -24.66
CA ALA D 24 27.71 -12.39 -24.86
C ALA D 24 26.53 -12.62 -23.91
N VAL D 25 26.07 -11.57 -23.25
CA VAL D 25 24.94 -11.66 -22.34
C VAL D 25 24.03 -10.45 -22.53
N GLY D 26 22.74 -10.68 -22.33
CA GLY D 26 21.76 -9.62 -22.48
C GLY D 26 20.99 -9.40 -21.20
N TYR D 27 20.67 -8.15 -20.93
CA TYR D 27 19.96 -7.80 -19.71
C TYR D 27 18.82 -6.82 -19.98
N VAL D 28 17.86 -6.93 -19.12
CA VAL D 28 16.75 -6.00 -19.01
C VAL D 28 16.83 -5.55 -17.57
N ASP D 29 17.10 -4.29 -17.39
CA ASP D 29 17.32 -3.79 -16.03
C ASP D 29 18.43 -4.68 -15.43
N ASP D 30 18.18 -5.25 -14.25
CA ASP D 30 19.19 -6.09 -13.61
C ASP D 30 18.88 -7.58 -13.69
N THR D 31 18.15 -7.97 -14.74
CA THR D 31 17.79 -9.37 -14.95
C THR D 31 18.36 -9.89 -16.27
N GLN D 32 19.24 -10.88 -16.20
CA GLN D 32 19.83 -11.44 -17.41
C GLN D 32 18.78 -12.31 -18.07
N PHE D 33 18.72 -12.32 -19.40
CA PHE D 33 17.74 -13.17 -20.08
C PHE D 33 18.31 -14.06 -21.20
N VAL D 34 19.50 -13.72 -21.70
CA VAL D 34 20.14 -14.52 -22.74
C VAL D 34 21.66 -14.57 -22.54
N ARG D 35 22.31 -15.56 -23.14
CA ARG D 35 23.75 -15.69 -23.05
C ARG D 35 24.28 -16.49 -24.23
N PHE D 36 25.58 -16.41 -24.44
CA PHE D 36 26.21 -17.16 -25.50
C PHE D 36 27.66 -17.35 -25.10
N ASP D 37 28.10 -18.60 -25.15
CA ASP D 37 29.47 -18.93 -24.81
C ASP D 37 30.09 -19.66 -25.99
N SER D 38 31.11 -19.07 -26.59
CA SER D 38 31.78 -19.68 -27.73
C SER D 38 32.43 -21.03 -27.38
N ASP D 39 32.71 -21.23 -26.09
CA ASP D 39 33.32 -22.48 -25.66
C ASP D 39 32.25 -23.51 -25.24
N ALA D 40 31.00 -23.08 -25.22
CA ALA D 40 29.92 -23.98 -24.84
C ALA D 40 29.64 -24.96 -25.98
N ALA D 41 29.11 -26.12 -25.64
CA ALA D 41 28.82 -27.14 -26.64
C ALA D 41 27.70 -26.78 -27.61
N SER D 42 26.60 -26.23 -27.09
CA SER D 42 25.42 -25.86 -27.88
C SER D 42 25.66 -24.97 -29.10
N GLN D 43 26.45 -23.91 -28.90
CA GLN D 43 26.72 -22.96 -29.96
C GLN D 43 25.43 -22.25 -30.36
N ARG D 44 24.60 -21.96 -29.36
CA ARG D 44 23.33 -21.28 -29.59
C ARG D 44 23.09 -20.26 -28.50
N MET D 45 22.30 -19.26 -28.85
CA MET D 45 21.87 -18.29 -27.85
C MET D 45 20.98 -19.07 -26.91
N GLU D 46 21.16 -18.88 -25.63
CA GLU D 46 20.37 -19.63 -24.66
C GLU D 46 19.66 -18.71 -23.68
N PRO D 47 18.45 -19.11 -23.26
CA PRO D 47 17.65 -18.32 -22.31
C PRO D 47 18.23 -18.40 -20.89
N ARG D 48 18.13 -17.31 -20.15
CA ARG D 48 18.66 -17.28 -18.80
C ARG D 48 17.61 -16.75 -17.83
N ALA D 49 16.38 -16.63 -18.32
CA ALA D 49 15.27 -16.17 -17.50
C ALA D 49 13.98 -16.83 -18.00
N PRO D 50 13.02 -17.05 -17.09
CA PRO D 50 11.72 -17.67 -17.37
C PRO D 50 10.92 -17.04 -18.51
N TRP D 51 10.69 -15.73 -18.42
CA TRP D 51 9.91 -15.02 -19.42
C TRP D 51 10.41 -15.02 -20.85
N ILE D 52 11.64 -15.47 -21.10
CA ILE D 52 12.13 -15.47 -22.49
C ILE D 52 12.04 -16.87 -23.08
N GLU D 53 11.89 -17.87 -22.22
CA GLU D 53 11.80 -19.27 -22.67
C GLU D 53 10.63 -19.54 -23.61
N GLN D 54 9.55 -18.79 -23.43
CA GLN D 54 8.38 -18.97 -24.28
C GLN D 54 8.46 -18.33 -25.67
N GLU D 55 9.64 -17.85 -26.06
CA GLU D 55 9.80 -17.29 -27.39
C GLU D 55 9.92 -18.53 -28.28
N GLY D 56 9.36 -18.48 -29.47
CA GLY D 56 9.43 -19.64 -30.35
C GLY D 56 10.80 -19.90 -30.97
N PRO D 57 10.96 -21.01 -31.68
CA PRO D 57 12.25 -21.36 -32.31
C PRO D 57 12.79 -20.27 -33.23
N GLU D 58 11.90 -19.56 -33.90
CA GLU D 58 12.32 -18.51 -34.82
C GLU D 58 13.23 -17.51 -34.09
N TYR D 59 12.81 -17.11 -32.89
CA TYR D 59 13.58 -16.17 -32.08
C TYR D 59 14.94 -16.74 -31.75
N TRP D 60 14.99 -17.96 -31.24
CA TRP D 60 16.27 -18.57 -30.91
C TRP D 60 17.18 -18.81 -32.11
N ASP D 61 16.62 -19.17 -33.26
CA ASP D 61 17.46 -19.39 -34.44
C ASP D 61 17.97 -18.03 -34.92
N GLY D 62 17.12 -17.01 -34.81
CA GLY D 62 17.51 -15.68 -35.24
C GLY D 62 18.64 -15.07 -34.41
N GLU D 63 18.48 -15.10 -33.09
CA GLU D 63 19.49 -14.53 -32.20
C GLU D 63 20.80 -15.31 -32.25
N THR D 64 20.71 -16.63 -32.42
CA THR D 64 21.90 -17.47 -32.50
C THR D 64 22.69 -17.02 -33.73
N ARG D 65 21.98 -16.91 -34.86
CA ARG D 65 22.60 -16.48 -36.11
C ARG D 65 23.29 -15.13 -35.95
N LYS D 66 22.59 -14.18 -35.34
CA LYS D 66 23.17 -12.84 -35.16
C LYS D 66 24.29 -12.78 -34.11
N VAL D 67 24.17 -13.59 -33.06
CA VAL D 67 25.20 -13.58 -32.03
C VAL D 67 26.47 -14.20 -32.61
N LYS D 68 26.31 -15.22 -33.45
CA LYS D 68 27.47 -15.84 -34.09
C LYS D 68 28.17 -14.80 -34.97
N ALA D 69 27.38 -13.94 -35.60
CA ALA D 69 27.92 -12.87 -36.45
C ALA D 69 28.67 -11.85 -35.62
N HIS D 70 28.17 -11.57 -34.41
CA HIS D 70 28.83 -10.64 -33.50
C HIS D 70 30.18 -11.25 -33.14
N SER D 71 30.16 -12.54 -32.81
CA SER D 71 31.37 -13.27 -32.45
C SER D 71 32.42 -13.13 -33.56
N GLN D 72 31.99 -13.28 -34.81
CA GLN D 72 32.90 -13.17 -35.94
C GLN D 72 33.50 -11.77 -36.08
N THR D 73 32.72 -10.75 -35.74
CA THR D 73 33.17 -9.37 -35.84
C THR D 73 34.29 -9.12 -34.82
N HIS D 74 34.05 -9.54 -33.58
CA HIS D 74 35.04 -9.36 -32.54
C HIS D 74 36.28 -10.21 -32.78
N ARG D 75 36.15 -11.21 -33.65
CA ARG D 75 37.27 -12.08 -33.97
C ARG D 75 38.20 -11.35 -34.95
N VAL D 76 37.62 -10.48 -35.77
CA VAL D 76 38.35 -9.68 -36.74
C VAL D 76 38.86 -8.40 -36.08
N ASP D 77 38.08 -7.86 -35.15
CA ASP D 77 38.48 -6.65 -34.45
C ASP D 77 39.77 -6.87 -33.67
N LEU D 78 39.86 -8.01 -33.00
CA LEU D 78 41.04 -8.36 -32.21
C LEU D 78 42.30 -8.28 -33.06
N GLY D 79 42.21 -8.73 -34.30
CA GLY D 79 43.35 -8.70 -35.19
C GLY D 79 43.62 -7.30 -35.69
N THR D 80 42.56 -6.54 -35.94
CA THR D 80 42.72 -5.19 -36.42
C THR D 80 43.44 -4.38 -35.35
N LEU D 81 42.92 -4.40 -34.13
CA LEU D 81 43.52 -3.65 -33.02
C LEU D 81 44.94 -4.11 -32.71
N ARG D 82 45.18 -5.41 -32.85
CA ARG D 82 46.50 -6.01 -32.64
C ARG D 82 47.50 -5.32 -33.55
N GLY D 83 47.02 -4.94 -34.73
CA GLY D 83 47.86 -4.26 -35.71
C GLY D 83 47.88 -2.75 -35.50
N TYR D 84 46.74 -2.18 -35.15
CA TYR D 84 46.65 -0.74 -34.92
C TYR D 84 47.64 -0.33 -33.83
N TYR D 85 47.94 -1.25 -32.94
CA TYR D 85 48.85 -0.96 -31.84
C TYR D 85 50.18 -1.68 -31.99
N ASN D 86 50.37 -2.31 -33.14
CA ASN D 86 51.58 -3.06 -33.43
C ASN D 86 51.90 -3.91 -32.20
N GLN D 87 51.11 -4.96 -32.00
CA GLN D 87 51.29 -5.86 -30.86
C GLN D 87 51.64 -7.27 -31.34
N SER D 88 52.38 -8.00 -30.50
CA SER D 88 52.78 -9.37 -30.83
C SER D 88 51.56 -10.29 -30.89
N GLU D 89 51.66 -11.36 -31.67
CA GLU D 89 50.57 -12.30 -31.79
C GLU D 89 50.59 -13.24 -30.60
N ALA D 90 51.56 -13.05 -29.71
CA ALA D 90 51.70 -13.88 -28.53
C ALA D 90 50.85 -13.42 -27.35
N GLY D 91 50.71 -12.11 -27.19
CA GLY D 91 49.95 -11.59 -26.08
C GLY D 91 48.45 -11.82 -26.14
N SER D 92 47.82 -11.83 -24.97
CA SER D 92 46.37 -12.01 -24.87
C SER D 92 45.71 -10.65 -24.68
N HIS D 93 44.81 -10.29 -25.59
CA HIS D 93 44.13 -9.01 -25.47
C HIS D 93 42.63 -9.16 -25.34
N THR D 94 41.98 -8.12 -24.83
CA THR D 94 40.55 -8.15 -24.61
C THR D 94 39.82 -6.97 -25.24
N VAL D 95 38.72 -7.28 -25.92
CA VAL D 95 37.90 -6.26 -26.52
C VAL D 95 36.51 -6.41 -25.88
N GLN D 96 35.89 -5.29 -25.55
CA GLN D 96 34.57 -5.30 -24.95
C GLN D 96 33.65 -4.36 -25.71
N ARG D 97 32.39 -4.78 -25.88
CA ARG D 97 31.41 -3.96 -26.57
C ARG D 97 30.12 -3.96 -25.74
N MET D 98 29.49 -2.80 -25.66
CA MET D 98 28.25 -2.68 -24.93
C MET D 98 27.32 -1.74 -25.69
N TYR D 99 26.07 -2.15 -25.87
CA TYR D 99 25.09 -1.30 -26.52
C TYR D 99 23.70 -1.56 -25.96
N GLY D 100 22.85 -0.55 -26.00
CA GLY D 100 21.51 -0.68 -25.47
C GLY D 100 20.77 0.64 -25.37
N CYS D 101 19.56 0.59 -24.81
CA CYS D 101 18.70 1.75 -24.67
C CYS D 101 18.03 1.87 -23.30
N ASP D 102 17.66 3.10 -22.96
CA ASP D 102 16.93 3.39 -21.72
C ASP D 102 15.60 4.06 -22.12
N VAL D 103 14.52 3.73 -21.43
CA VAL D 103 13.24 4.37 -21.71
C VAL D 103 12.83 4.99 -20.37
N GLY D 104 12.00 6.03 -20.41
CA GLY D 104 11.58 6.66 -19.16
C GLY D 104 10.49 5.86 -18.47
N SER D 105 9.87 6.45 -17.45
CA SER D 105 8.80 5.80 -16.73
C SER D 105 7.62 5.66 -17.69
N ASP D 106 7.61 6.49 -18.74
CA ASP D 106 6.57 6.47 -19.75
C ASP D 106 6.96 5.51 -20.87
N TRP D 107 8.00 4.72 -20.61
CA TRP D 107 8.51 3.73 -21.58
C TRP D 107 8.95 4.32 -22.91
N ARG D 108 9.22 5.61 -22.94
CA ARG D 108 9.65 6.25 -24.17
C ARG D 108 11.16 6.38 -24.19
N PHE D 109 11.76 6.36 -25.37
CA PHE D 109 13.20 6.46 -25.52
C PHE D 109 13.77 7.65 -24.75
N LEU D 110 14.83 7.39 -23.98
CA LEU D 110 15.49 8.41 -23.17
C LEU D 110 16.93 8.58 -23.68
N ARG D 111 17.63 7.48 -23.91
CA ARG D 111 18.98 7.55 -24.47
C ARG D 111 19.44 6.19 -24.97
N GLY D 112 20.43 6.20 -25.85
CA GLY D 112 20.97 4.99 -26.43
C GLY D 112 22.49 4.93 -26.29
N TYR D 113 23.06 3.73 -26.28
CA TYR D 113 24.50 3.59 -26.12
C TYR D 113 25.08 2.55 -27.06
N HIS D 114 26.36 2.71 -27.35
CA HIS D 114 27.14 1.80 -28.18
C HIS D 114 28.59 2.18 -27.90
N GLN D 115 29.20 1.49 -26.94
CA GLN D 115 30.57 1.77 -26.53
C GLN D 115 31.48 0.61 -26.80
N TYR D 116 32.78 0.89 -26.84
CA TYR D 116 33.76 -0.12 -27.14
C TYR D 116 35.03 0.11 -26.32
N ALA D 117 35.62 -0.96 -25.80
CA ALA D 117 36.85 -0.83 -25.03
C ALA D 117 37.88 -1.87 -25.48
N TYR D 118 39.15 -1.53 -25.29
CA TYR D 118 40.24 -2.42 -25.64
C TYR D 118 41.15 -2.55 -24.42
N ASP D 119 41.39 -3.79 -24.00
CA ASP D 119 42.22 -4.09 -22.84
C ASP D 119 41.85 -3.24 -21.63
N GLY D 120 40.55 -2.99 -21.46
CA GLY D 120 40.10 -2.22 -20.31
C GLY D 120 39.94 -0.71 -20.47
N LYS D 121 40.44 -0.17 -21.57
CA LYS D 121 40.35 1.27 -21.81
C LYS D 121 39.33 1.64 -22.90
N ASP D 122 38.65 2.75 -22.70
CA ASP D 122 37.69 3.22 -23.70
C ASP D 122 38.43 3.36 -25.00
N TYR D 123 37.76 2.99 -26.09
CA TYR D 123 38.33 3.03 -27.42
C TYR D 123 37.48 4.01 -28.24
N ILE D 124 36.23 3.67 -28.46
CA ILE D 124 35.33 4.54 -29.19
C ILE D 124 33.92 4.39 -28.62
N ALA D 125 33.16 5.46 -28.66
CA ALA D 125 31.81 5.41 -28.12
C ALA D 125 30.92 6.41 -28.85
N LEU D 126 29.66 6.03 -29.04
CA LEU D 126 28.69 6.89 -29.71
C LEU D 126 28.26 7.97 -28.72
N LYS D 127 28.22 9.22 -29.19
CA LYS D 127 27.83 10.31 -28.30
C LYS D 127 26.32 10.34 -28.12
N GLU D 128 25.87 10.96 -27.03
CA GLU D 128 24.43 11.04 -26.73
C GLU D 128 23.55 11.44 -27.91
N ASP D 129 24.05 12.29 -28.80
CA ASP D 129 23.25 12.72 -29.95
C ASP D 129 23.08 11.62 -30.99
N LEU D 130 23.80 10.51 -30.79
CA LEU D 130 23.70 9.37 -31.70
C LEU D 130 24.08 9.71 -33.14
N ARG D 131 24.96 10.70 -33.32
CA ARG D 131 25.39 11.09 -34.66
C ARG D 131 26.91 11.33 -34.71
N SER D 132 27.52 11.52 -33.54
CA SER D 132 28.97 11.74 -33.47
C SER D 132 29.66 10.71 -32.57
N TRP D 133 30.97 10.58 -32.75
CA TRP D 133 31.74 9.62 -31.97
C TRP D 133 32.83 10.22 -31.08
N THR D 134 33.18 9.50 -30.02
CA THR D 134 34.23 9.91 -29.11
C THR D 134 35.39 8.94 -29.31
N ALA D 135 36.44 9.40 -29.98
CA ALA D 135 37.62 8.57 -30.25
C ALA D 135 38.65 8.76 -29.13
N ALA D 136 38.92 7.68 -28.39
CA ALA D 136 39.87 7.72 -27.29
C ALA D 136 41.26 8.22 -27.71
N ASP D 137 41.96 7.45 -28.54
CA ASP D 137 43.29 7.82 -28.97
C ASP D 137 43.45 8.00 -30.49
N MET D 138 44.65 7.75 -30.98
CA MET D 138 44.95 7.87 -32.40
C MET D 138 44.40 6.69 -33.18
N ALA D 139 44.56 5.50 -32.61
CA ALA D 139 44.04 4.30 -33.24
C ALA D 139 42.53 4.46 -33.35
N ALA D 140 41.91 4.83 -32.24
CA ALA D 140 40.45 5.01 -32.20
C ALA D 140 39.94 5.97 -33.27
N GLN D 141 40.74 6.96 -33.66
CA GLN D 141 40.30 7.90 -34.68
C GLN D 141 40.20 7.28 -36.06
N THR D 142 41.05 6.30 -36.34
CA THR D 142 40.98 5.61 -37.62
C THR D 142 39.61 4.93 -37.75
N THR D 143 39.20 4.27 -36.68
CA THR D 143 37.91 3.58 -36.65
C THR D 143 36.78 4.60 -36.80
N LYS D 144 36.93 5.74 -36.14
CA LYS D 144 35.93 6.79 -36.17
C LYS D 144 35.72 7.31 -37.60
N HIS D 145 36.81 7.52 -38.34
CA HIS D 145 36.71 8.02 -39.72
C HIS D 145 36.01 6.97 -40.60
N LYS D 146 36.33 5.71 -40.34
CA LYS D 146 35.74 4.62 -41.09
C LYS D 146 34.23 4.43 -40.78
N TRP D 147 33.84 4.63 -39.53
CA TRP D 147 32.45 4.49 -39.17
C TRP D 147 31.68 5.71 -39.65
N GLU D 148 32.37 6.84 -39.69
CA GLU D 148 31.77 8.07 -40.17
C GLU D 148 31.51 7.85 -41.65
N ALA D 149 32.57 7.54 -42.38
CA ALA D 149 32.49 7.31 -43.83
C ALA D 149 31.44 6.28 -44.22
N ALA D 150 31.29 5.25 -43.39
CA ALA D 150 30.31 4.19 -43.66
C ALA D 150 28.91 4.52 -43.11
N HIS D 151 28.79 5.67 -42.44
CA HIS D 151 27.51 6.06 -41.88
C HIS D 151 27.00 5.05 -40.86
N VAL D 152 27.88 4.64 -39.96
CA VAL D 152 27.51 3.66 -38.96
C VAL D 152 26.55 4.23 -37.92
N ALA D 153 26.81 5.45 -37.47
CA ALA D 153 25.97 6.11 -36.47
C ALA D 153 24.49 6.15 -36.84
N GLU D 154 24.20 6.43 -38.10
CA GLU D 154 22.82 6.50 -38.55
C GLU D 154 22.08 5.17 -38.36
N GLN D 155 22.75 4.07 -38.67
CA GLN D 155 22.15 2.75 -38.52
C GLN D 155 21.93 2.38 -37.05
N LEU D 156 22.85 2.80 -36.18
CA LEU D 156 22.71 2.49 -34.76
C LEU D 156 21.53 3.26 -34.19
N ARG D 157 21.36 4.49 -34.68
CA ARG D 157 20.27 5.36 -34.26
C ARG D 157 18.93 4.66 -34.49
N ALA D 158 18.77 4.09 -35.69
CA ALA D 158 17.55 3.40 -36.06
C ALA D 158 17.31 2.24 -35.10
N TYR D 159 18.37 1.53 -34.73
CA TYR D 159 18.24 0.41 -33.80
C TYR D 159 17.96 0.84 -32.36
N LEU D 160 18.73 1.82 -31.87
CA LEU D 160 18.59 2.29 -30.49
C LEU D 160 17.27 2.99 -30.15
N GLU D 161 16.72 3.71 -31.12
CA GLU D 161 15.45 4.42 -30.91
C GLU D 161 14.24 3.61 -31.38
N GLY D 162 14.49 2.57 -32.17
CA GLY D 162 13.40 1.75 -32.67
C GLY D 162 13.38 0.37 -32.07
N THR D 163 13.96 -0.60 -32.78
CA THR D 163 13.99 -1.97 -32.32
C THR D 163 14.28 -2.12 -30.83
N CYS D 164 15.36 -1.50 -30.37
CA CYS D 164 15.77 -1.61 -28.97
C CYS D 164 14.64 -1.25 -27.99
N VAL D 165 13.98 -0.11 -28.20
CA VAL D 165 12.91 0.32 -27.32
C VAL D 165 11.68 -0.58 -27.47
N GLU D 166 11.40 -0.97 -28.72
CA GLU D 166 10.25 -1.81 -29.01
C GLU D 166 10.35 -3.17 -28.35
N TRP D 167 11.49 -3.84 -28.49
CA TRP D 167 11.65 -5.14 -27.86
C TRP D 167 11.77 -5.03 -26.36
N LEU D 168 12.29 -3.90 -25.88
CA LEU D 168 12.38 -3.70 -24.44
C LEU D 168 10.94 -3.72 -23.93
N ARG D 169 10.07 -2.92 -24.56
CA ARG D 169 8.66 -2.87 -24.19
C ARG D 169 8.02 -4.25 -24.24
N ARG D 170 8.31 -5.01 -25.28
CA ARG D 170 7.77 -6.35 -25.43
C ARG D 170 8.23 -7.22 -24.29
N TYR D 171 9.53 -7.14 -23.98
CA TYR D 171 10.08 -7.94 -22.90
C TYR D 171 9.50 -7.56 -21.55
N LEU D 172 9.39 -6.25 -21.29
CA LEU D 172 8.83 -5.78 -20.03
C LEU D 172 7.41 -6.34 -19.84
N GLU D 173 6.68 -6.42 -20.94
CA GLU D 173 5.30 -6.93 -20.95
C GLU D 173 5.26 -8.45 -20.71
N ASN D 174 6.00 -9.20 -21.52
CA ASN D 174 6.01 -10.65 -21.40
C ASN D 174 6.50 -11.12 -20.05
N GLY D 175 7.33 -10.32 -19.39
CA GLY D 175 7.83 -10.69 -18.08
C GLY D 175 7.33 -9.78 -16.97
N LYS D 176 6.10 -9.29 -17.08
CA LYS D 176 5.51 -8.40 -16.08
C LYS D 176 5.75 -8.83 -14.64
N GLU D 177 5.22 -9.99 -14.27
CA GLU D 177 5.35 -10.51 -12.92
C GLU D 177 6.79 -10.46 -12.40
N THR D 178 7.76 -10.47 -13.31
CA THR D 178 9.16 -10.43 -12.95
C THR D 178 9.72 -9.03 -13.10
N LEU D 179 10.01 -8.64 -14.34
CA LEU D 179 10.60 -7.34 -14.66
C LEU D 179 9.91 -6.10 -14.10
N GLN D 180 8.60 -6.16 -13.92
CA GLN D 180 7.85 -5.03 -13.40
C GLN D 180 7.50 -5.16 -11.92
N ARG D 181 8.16 -6.09 -11.25
CA ARG D 181 7.91 -6.30 -9.83
C ARG D 181 8.85 -5.37 -9.07
N THR D 182 8.57 -5.23 -7.80
CA THR D 182 9.37 -4.37 -6.95
C THR D 182 9.43 -4.97 -5.59
N ASP D 183 10.60 -5.39 -5.18
CA ASP D 183 10.69 -5.94 -3.86
C ASP D 183 11.36 -4.84 -3.05
N ALA D 184 10.55 -4.12 -2.28
CA ALA D 184 11.08 -3.06 -1.42
C ALA D 184 12.05 -3.79 -0.51
N PRO D 185 13.19 -3.17 -0.22
CA PRO D 185 14.16 -3.82 0.65
C PRO D 185 13.60 -4.14 2.01
N LYS D 186 14.01 -5.29 2.51
CA LYS D 186 13.71 -5.73 3.88
C LYS D 186 14.82 -5.13 4.72
N THR D 187 14.48 -4.44 5.80
CA THR D 187 15.54 -3.75 6.54
C THR D 187 15.63 -4.06 8.02
N HIS D 188 16.86 -4.09 8.53
CA HIS D 188 17.15 -4.31 9.93
C HIS D 188 18.58 -3.87 10.22
N MET D 189 18.92 -3.80 11.50
CA MET D 189 20.25 -3.40 11.95
C MET D 189 20.85 -4.46 12.85
N THR D 190 22.18 -4.50 12.90
CA THR D 190 22.87 -5.46 13.74
C THR D 190 23.86 -4.69 14.64
N HIS D 191 24.10 -5.21 15.85
CA HIS D 191 25.00 -4.57 16.81
C HIS D 191 26.13 -5.51 17.21
N HIS D 192 27.36 -5.03 17.11
CA HIS D 192 28.54 -5.83 17.45
C HIS D 192 29.54 -5.11 18.34
N ALA D 193 29.68 -5.60 19.56
CA ALA D 193 30.62 -5.02 20.51
C ALA D 193 32.04 -5.20 20.02
N VAL D 194 32.59 -4.17 19.39
CA VAL D 194 33.95 -4.22 18.86
C VAL D 194 34.95 -4.27 20.01
N SER D 195 34.69 -3.43 21.01
CA SER D 195 35.54 -3.34 22.19
C SER D 195 34.70 -2.85 23.36
N ASP D 196 35.34 -2.10 24.26
CA ASP D 196 34.66 -1.58 25.44
C ASP D 196 34.11 -0.17 25.27
N HIS D 197 34.65 0.57 24.31
CA HIS D 197 34.20 1.93 24.05
C HIS D 197 33.65 2.17 22.65
N GLU D 198 33.55 1.12 21.85
CA GLU D 198 33.03 1.24 20.48
C GLU D 198 32.24 0.02 20.03
N ALA D 199 31.38 0.20 19.04
CA ALA D 199 30.60 -0.91 18.53
C ALA D 199 30.25 -0.66 17.07
N THR D 200 30.08 -1.73 16.30
CA THR D 200 29.74 -1.61 14.90
C THR D 200 28.23 -1.63 14.74
N LEU D 201 27.70 -0.73 13.92
CA LEU D 201 26.27 -0.65 13.64
C LEU D 201 26.11 -0.86 12.13
N ARG D 202 25.56 -2.01 11.75
CA ARG D 202 25.38 -2.31 10.33
C ARG D 202 23.91 -2.17 9.93
N CYS D 203 23.67 -1.57 8.78
CA CYS D 203 22.31 -1.40 8.31
C CYS D 203 22.16 -2.24 7.07
N TRP D 204 21.16 -3.10 7.08
CA TRP D 204 20.90 -4.02 5.99
C TRP D 204 19.66 -3.72 5.14
N ALA D 205 19.80 -3.98 3.83
CA ALA D 205 18.72 -3.83 2.86
C ALA D 205 18.77 -5.14 2.09
N LEU D 206 17.72 -5.95 2.23
CA LEU D 206 17.67 -7.26 1.59
C LEU D 206 16.49 -7.52 0.68
N SER D 207 16.64 -8.57 -0.13
CA SER D 207 15.59 -9.02 -1.04
C SER D 207 14.88 -7.91 -1.80
N PHE D 208 15.64 -7.01 -2.40
CA PHE D 208 15.02 -5.95 -3.16
C PHE D 208 15.30 -6.04 -4.65
N TYR D 209 14.41 -5.45 -5.44
CA TYR D 209 14.54 -5.42 -6.89
C TYR D 209 13.74 -4.21 -7.31
N PRO D 210 14.28 -3.36 -8.21
CA PRO D 210 15.58 -3.45 -8.86
C PRO D 210 16.70 -3.11 -7.89
N ALA D 211 17.93 -3.32 -8.35
CA ALA D 211 19.13 -3.09 -7.54
C ALA D 211 19.32 -1.66 -7.03
N GLU D 212 19.03 -0.68 -7.89
CA GLU D 212 19.17 0.74 -7.55
C GLU D 212 18.65 0.99 -6.15
N ILE D 213 19.50 1.59 -5.31
CA ILE D 213 19.15 1.89 -3.93
C ILE D 213 20.12 2.90 -3.31
N THR D 214 19.66 3.64 -2.30
CA THR D 214 20.51 4.60 -1.60
C THR D 214 20.36 4.26 -0.13
N LEU D 215 21.47 3.85 0.47
CA LEU D 215 21.52 3.43 1.87
C LEU D 215 22.60 4.20 2.62
N THR D 216 22.21 5.02 3.58
CA THR D 216 23.21 5.78 4.31
C THR D 216 23.02 5.84 5.81
N TRP D 217 24.09 6.25 6.50
CA TRP D 217 24.07 6.41 7.94
C TRP D 217 24.24 7.89 8.22
N GLN D 218 23.56 8.36 9.25
CA GLN D 218 23.62 9.75 9.65
C GLN D 218 23.84 9.85 11.13
N ARG D 219 24.52 10.90 11.56
CA ARG D 219 24.74 11.13 12.97
C ARG D 219 24.13 12.48 13.21
N ASP D 220 23.09 12.53 14.03
CA ASP D 220 22.39 13.77 14.33
C ASP D 220 21.88 14.37 13.01
N GLY D 221 21.45 13.50 12.10
CA GLY D 221 20.96 13.96 10.82
C GLY D 221 22.06 14.56 9.95
N GLU D 222 23.31 14.46 10.41
CA GLU D 222 24.44 15.01 9.65
C GLU D 222 25.04 13.87 8.81
N ASP D 223 25.58 14.23 7.65
CA ASP D 223 26.18 13.25 6.76
C ASP D 223 27.41 12.55 7.35
N GLN D 224 27.50 11.25 7.11
CA GLN D 224 28.61 10.45 7.64
C GLN D 224 29.32 9.68 6.54
N THR D 225 29.32 10.22 5.33
CA THR D 225 29.95 9.58 4.18
C THR D 225 31.33 8.96 4.42
N GLN D 226 32.26 9.77 4.94
CA GLN D 226 33.62 9.28 5.17
C GLN D 226 33.81 8.32 6.34
N ASP D 227 32.79 8.18 7.18
CA ASP D 227 32.91 7.28 8.32
C ASP D 227 32.07 6.04 8.10
N THR D 228 31.52 5.89 6.91
CA THR D 228 30.68 4.75 6.62
C THR D 228 31.36 3.73 5.72
N GLU D 229 31.22 2.51 6.17
CA GLU D 229 31.68 1.32 5.45
C GLU D 229 30.50 0.90 4.59
N LEU D 230 30.63 1.07 3.29
CA LEU D 230 29.51 0.82 2.38
C LEU D 230 29.86 -0.14 1.25
N VAL D 231 29.27 -1.33 1.26
CA VAL D 231 29.56 -2.31 0.22
C VAL D 231 28.77 -2.11 -1.07
N GLU D 232 29.33 -2.69 -2.12
CA GLU D 232 28.77 -2.66 -3.44
C GLU D 232 27.48 -3.51 -3.45
N THR D 233 26.40 -2.93 -3.96
CA THR D 233 25.12 -3.63 -4.05
C THR D 233 25.38 -4.99 -4.68
N ARG D 234 25.05 -6.07 -3.99
CA ARG D 234 25.34 -7.39 -4.53
C ARG D 234 24.16 -8.29 -4.83
N PRO D 235 24.34 -9.24 -5.76
CA PRO D 235 23.26 -10.17 -6.12
C PRO D 235 23.08 -11.27 -5.10
N ALA D 236 21.83 -11.49 -4.72
CA ALA D 236 21.49 -12.53 -3.76
C ALA D 236 21.54 -13.87 -4.49
N GLY D 237 21.41 -13.81 -5.82
CA GLY D 237 21.44 -15.02 -6.64
C GLY D 237 20.06 -15.54 -7.01
N ASP D 238 19.02 -14.91 -6.47
CA ASP D 238 17.65 -15.33 -6.73
C ASP D 238 16.88 -14.24 -7.46
N GLY D 239 17.60 -13.29 -8.05
CA GLY D 239 16.93 -12.22 -8.76
C GLY D 239 16.86 -10.94 -7.95
N THR D 240 16.95 -11.03 -6.62
CA THR D 240 16.93 -9.85 -5.77
C THR D 240 18.36 -9.46 -5.43
N PHE D 241 18.53 -8.27 -4.86
CA PHE D 241 19.84 -7.76 -4.48
C PHE D 241 19.92 -7.46 -2.98
N GLN D 242 21.13 -7.24 -2.48
CA GLN D 242 21.39 -6.94 -1.07
C GLN D 242 22.47 -5.86 -0.93
N LYS D 243 22.46 -5.17 0.21
CA LYS D 243 23.47 -4.13 0.49
C LYS D 243 23.51 -3.81 1.98
N TRP D 244 24.67 -3.38 2.47
CA TRP D 244 24.76 -2.97 3.86
C TRP D 244 25.71 -1.82 4.00
N ALA D 245 25.48 -1.02 5.04
CA ALA D 245 26.31 0.13 5.34
C ALA D 245 26.59 0.10 6.83
N ALA D 246 27.80 0.47 7.23
CA ALA D 246 28.15 0.46 8.65
C ALA D 246 28.99 1.64 9.15
N VAL D 247 28.84 1.93 10.45
CA VAL D 247 29.58 2.99 11.13
C VAL D 247 29.97 2.40 12.49
N VAL D 248 31.14 2.76 12.98
CA VAL D 248 31.58 2.29 14.27
C VAL D 248 31.18 3.40 15.21
N VAL D 249 30.17 3.12 16.03
CA VAL D 249 29.61 4.06 16.99
C VAL D 249 30.28 4.07 18.36
N PRO D 250 30.65 5.26 18.84
CA PRO D 250 31.30 5.30 20.16
C PRO D 250 30.26 4.90 21.22
N SER D 251 30.70 4.21 22.26
CA SER D 251 29.82 3.77 23.35
C SER D 251 28.87 4.84 23.85
N GLY D 252 27.60 4.47 23.98
CA GLY D 252 26.58 5.39 24.44
C GLY D 252 25.99 6.32 23.40
N GLN D 253 26.42 6.23 22.15
CA GLN D 253 25.89 7.13 21.12
C GLN D 253 25.07 6.50 20.01
N GLU D 254 24.46 5.34 20.26
CA GLU D 254 23.65 4.69 19.23
C GLU D 254 22.42 5.51 18.82
N GLN D 255 21.83 6.20 19.79
CA GLN D 255 20.65 7.02 19.54
C GLN D 255 20.92 8.18 18.60
N ARG D 256 22.18 8.53 18.43
CA ARG D 256 22.53 9.65 17.55
C ARG D 256 22.54 9.24 16.07
N TYR D 257 22.67 7.93 15.82
CA TYR D 257 22.72 7.42 14.45
C TYR D 257 21.40 6.92 13.88
N THR D 258 21.21 7.20 12.59
CA THR D 258 20.02 6.80 11.86
C THR D 258 20.43 6.27 10.50
N CYS D 259 19.79 5.18 10.08
CA CYS D 259 20.09 4.63 8.77
C CYS D 259 18.98 5.14 7.89
N HIS D 260 19.33 5.48 6.66
CA HIS D 260 18.35 5.97 5.70
C HIS D 260 18.34 5.06 4.50
N VAL D 261 17.16 4.78 3.98
CA VAL D 261 17.02 3.90 2.83
C VAL D 261 16.05 4.49 1.82
N GLN D 262 16.50 4.54 0.57
CA GLN D 262 15.67 5.05 -0.49
C GLN D 262 15.60 3.93 -1.51
N HIS D 263 14.42 3.70 -2.06
CA HIS D 263 14.22 2.63 -3.03
C HIS D 263 12.87 2.76 -3.71
N GLU D 264 12.83 2.47 -5.01
CA GLU D 264 11.60 2.54 -5.80
C GLU D 264 10.43 1.82 -5.15
N GLY D 265 10.74 0.76 -4.41
CA GLY D 265 9.71 -0.01 -3.74
C GLY D 265 9.24 0.55 -2.41
N LEU D 266 9.81 1.68 -1.98
CA LEU D 266 9.43 2.30 -0.72
C LEU D 266 8.52 3.51 -0.86
N PRO D 267 7.24 3.34 -0.49
CA PRO D 267 6.29 4.45 -0.60
C PRO D 267 6.93 5.77 -0.11
N LYS D 268 7.83 5.66 0.86
CA LYS D 268 8.55 6.82 1.40
C LYS D 268 9.84 6.34 2.10
N PRO D 269 10.93 7.11 1.98
CA PRO D 269 12.23 6.79 2.58
C PRO D 269 12.13 6.25 4.01
N LEU D 270 13.01 5.33 4.35
CA LEU D 270 13.03 4.74 5.69
C LEU D 270 14.12 5.39 6.54
N THR D 271 13.83 5.53 7.82
CA THR D 271 14.75 6.10 8.79
C THR D 271 14.76 5.17 9.98
N LEU D 272 15.86 4.47 10.16
CA LEU D 272 15.99 3.55 11.26
C LEU D 272 16.97 4.08 12.28
N ARG D 273 16.66 3.83 13.54
CA ARG D 273 17.47 4.26 14.66
C ARG D 273 17.56 3.06 15.60
N TRP D 274 18.76 2.67 15.99
CA TRP D 274 18.91 1.56 16.92
C TRP D 274 18.29 2.08 18.19
N GLU D 275 17.35 1.35 18.76
CA GLU D 275 16.68 1.78 19.99
C GLU D 275 15.71 0.73 20.54
N MET E 1 49.42 -2.84 -19.73
CA MET E 1 47.95 -2.89 -19.96
C MET E 1 47.21 -2.70 -18.66
N ILE E 2 45.94 -2.31 -18.75
CA ILE E 2 45.11 -2.09 -17.59
C ILE E 2 44.97 -3.35 -16.75
N GLN E 3 44.95 -3.18 -15.43
CA GLN E 3 44.79 -4.27 -14.49
C GLN E 3 44.09 -3.75 -13.25
N ARG E 4 42.89 -4.26 -12.99
CA ARG E 4 42.10 -3.85 -11.83
C ARG E 4 41.97 -5.03 -10.88
N THR E 5 42.16 -4.78 -9.59
CA THR E 5 42.08 -5.82 -8.58
C THR E 5 40.63 -6.12 -8.21
N PRO E 6 40.27 -7.40 -8.15
CA PRO E 6 38.90 -7.82 -7.80
C PRO E 6 38.49 -7.56 -6.37
N LYS E 7 37.27 -7.05 -6.20
CA LYS E 7 36.73 -6.82 -4.87
C LYS E 7 36.02 -8.14 -4.56
N ILE E 8 36.00 -8.53 -3.29
CA ILE E 8 35.41 -9.80 -2.89
C ILE E 8 34.39 -9.72 -1.76
N GLN E 9 33.27 -10.41 -1.95
CA GLN E 9 32.22 -10.45 -0.93
C GLN E 9 31.70 -11.87 -0.78
N VAL E 10 31.81 -12.41 0.43
CA VAL E 10 31.36 -13.76 0.75
C VAL E 10 30.16 -13.65 1.66
N TYR E 11 29.02 -14.19 1.21
CA TYR E 11 27.78 -14.11 1.98
C TYR E 11 26.80 -15.17 1.53
N SER E 12 25.78 -15.40 2.34
CA SER E 12 24.74 -16.37 2.02
C SER E 12 23.55 -15.64 1.39
N ARG E 13 22.75 -16.34 0.59
CA ARG E 13 21.59 -15.74 -0.06
C ARG E 13 20.53 -15.32 0.93
N HIS E 14 20.32 -16.17 1.93
CA HIS E 14 19.32 -15.92 2.96
C HIS E 14 20.05 -15.85 4.30
N PRO E 15 19.39 -15.29 5.33
CA PRO E 15 20.04 -15.23 6.63
C PRO E 15 20.43 -16.66 7.04
N ALA E 16 21.62 -16.84 7.60
CA ALA E 16 22.08 -18.17 7.99
C ALA E 16 21.41 -18.74 9.24
N GLU E 17 20.78 -19.90 9.07
CA GLU E 17 20.11 -20.59 10.19
C GLU E 17 20.68 -21.98 10.19
N ASN E 18 21.33 -22.39 11.28
CA ASN E 18 21.91 -23.71 11.33
C ASN E 18 20.92 -24.83 10.94
N GLY E 19 21.36 -25.71 10.03
CA GLY E 19 20.54 -26.81 9.58
C GLY E 19 19.56 -26.52 8.47
N LYS E 20 19.62 -25.33 7.87
CA LYS E 20 18.68 -25.00 6.81
C LYS E 20 19.32 -24.66 5.48
N SER E 21 18.86 -25.32 4.43
CA SER E 21 19.36 -25.14 3.06
C SER E 21 19.45 -23.70 2.69
N ASN E 22 20.58 -23.33 2.08
CA ASN E 22 20.83 -21.95 1.71
C ASN E 22 21.81 -21.97 0.54
N PHE E 23 22.32 -20.80 0.18
CA PHE E 23 23.30 -20.70 -0.88
C PHE E 23 24.47 -19.86 -0.37
N LEU E 24 25.69 -20.35 -0.60
CA LEU E 24 26.87 -19.62 -0.18
C LEU E 24 27.34 -18.89 -1.42
N ASN E 25 27.47 -17.57 -1.32
CA ASN E 25 27.91 -16.77 -2.45
C ASN E 25 29.25 -16.09 -2.29
N CYS E 26 29.94 -15.92 -3.42
CA CYS E 26 31.19 -15.17 -3.46
C CYS E 26 31.10 -14.34 -4.73
N TYR E 27 30.93 -13.05 -4.54
CA TYR E 27 30.80 -12.08 -5.62
C TYR E 27 32.11 -11.33 -5.86
N VAL E 28 32.71 -11.54 -7.02
CA VAL E 28 33.94 -10.87 -7.39
C VAL E 28 33.60 -9.79 -8.42
N SER E 29 34.14 -8.58 -8.24
CA SER E 29 33.85 -7.49 -9.16
C SER E 29 34.99 -6.48 -9.29
N GLY E 30 34.83 -5.56 -10.24
CA GLY E 30 35.82 -4.53 -10.48
C GLY E 30 37.19 -4.99 -10.93
N PHE E 31 37.30 -6.21 -11.45
CA PHE E 31 38.60 -6.72 -11.90
C PHE E 31 38.83 -6.70 -13.41
N HIS E 32 40.08 -6.86 -13.80
CA HIS E 32 40.44 -6.84 -15.20
C HIS E 32 41.90 -7.23 -15.33
N PRO E 33 42.24 -8.11 -16.28
CA PRO E 33 41.37 -8.79 -17.26
C PRO E 33 40.44 -9.81 -16.60
N SER E 34 39.64 -10.49 -17.42
CA SER E 34 38.65 -11.44 -16.91
C SER E 34 39.13 -12.78 -16.35
N ASP E 35 40.30 -13.25 -16.75
CA ASP E 35 40.77 -14.53 -16.22
C ASP E 35 40.88 -14.39 -14.72
N ILE E 36 40.18 -15.25 -14.00
CA ILE E 36 40.19 -15.20 -12.55
C ILE E 36 39.88 -16.58 -11.97
N GLU E 37 40.55 -16.89 -10.87
CA GLU E 37 40.38 -18.17 -10.19
C GLU E 37 39.58 -17.94 -8.89
N VAL E 38 38.40 -18.51 -8.80
CA VAL E 38 37.55 -18.35 -7.61
C VAL E 38 37.08 -19.68 -7.03
N ASP E 39 37.40 -19.92 -5.76
CA ASP E 39 36.98 -21.15 -5.09
C ASP E 39 36.28 -20.88 -3.78
N LEU E 40 35.29 -21.71 -3.47
CA LEU E 40 34.56 -21.60 -2.20
C LEU E 40 35.12 -22.72 -1.32
N LEU E 41 35.48 -22.39 -0.09
CA LEU E 41 36.07 -23.38 0.81
C LEU E 41 35.19 -23.76 1.99
N LYS E 42 35.25 -25.03 2.38
CA LYS E 42 34.51 -25.55 3.50
C LYS E 42 35.54 -26.18 4.43
N ASN E 43 35.84 -25.48 5.53
CA ASN E 43 36.83 -25.97 6.49
C ASN E 43 38.17 -26.15 5.80
N GLY E 44 38.50 -25.22 4.91
CA GLY E 44 39.77 -25.28 4.21
C GLY E 44 39.81 -26.07 2.91
N GLU E 45 38.81 -26.91 2.67
CA GLU E 45 38.77 -27.72 1.45
C GLU E 45 37.94 -27.07 0.34
N ARG E 46 38.43 -27.18 -0.89
CA ARG E 46 37.73 -26.61 -2.04
C ARG E 46 36.41 -27.33 -2.29
N ILE E 47 35.31 -26.59 -2.35
CA ILE E 47 34.01 -27.21 -2.61
C ILE E 47 33.92 -27.51 -4.11
N GLU E 48 33.51 -28.73 -4.43
CA GLU E 48 33.42 -29.18 -5.82
C GLU E 48 32.31 -28.63 -6.69
N LYS E 49 31.07 -28.66 -6.20
CA LYS E 49 29.99 -28.16 -7.04
C LYS E 49 29.75 -26.66 -6.93
N VAL E 50 30.59 -25.89 -7.59
CA VAL E 50 30.45 -24.44 -7.56
C VAL E 50 30.14 -23.90 -8.96
N GLU E 51 29.01 -23.23 -9.07
CA GLU E 51 28.59 -22.67 -10.36
C GLU E 51 28.84 -21.16 -10.34
N HIS E 52 28.72 -20.53 -11.50
CA HIS E 52 28.92 -19.08 -11.56
C HIS E 52 28.15 -18.45 -12.69
N SER E 53 27.75 -17.21 -12.47
CA SER E 53 27.01 -16.41 -13.44
C SER E 53 27.84 -16.23 -14.72
N ASP E 54 27.16 -15.76 -15.77
CA ASP E 54 27.80 -15.52 -17.05
C ASP E 54 28.60 -14.24 -16.97
N LEU E 55 29.84 -14.26 -17.47
CA LEU E 55 30.71 -13.11 -17.43
C LEU E 55 30.05 -11.85 -17.99
N SER E 56 30.08 -10.80 -17.21
CA SER E 56 29.49 -9.52 -17.59
C SER E 56 30.34 -8.40 -16.99
N PHE E 57 30.01 -7.16 -17.32
CA PHE E 57 30.78 -6.02 -16.78
C PHE E 57 29.95 -4.79 -16.44
N SER E 58 30.59 -3.84 -15.78
CA SER E 58 29.95 -2.60 -15.38
C SER E 58 30.20 -1.46 -16.36
N LYS E 59 29.60 -0.31 -16.09
CA LYS E 59 29.77 0.88 -16.94
C LYS E 59 31.24 1.17 -17.23
N ASP E 60 32.11 0.96 -16.25
CA ASP E 60 33.54 1.24 -16.42
C ASP E 60 34.34 0.09 -17.02
N TRP E 61 33.64 -0.90 -17.57
CA TRP E 61 34.26 -2.08 -18.21
C TRP E 61 34.80 -3.15 -17.25
N SER E 62 34.91 -2.85 -15.96
CA SER E 62 35.43 -3.85 -15.04
C SER E 62 34.43 -5.02 -14.94
N PHE E 63 34.96 -6.23 -14.85
CA PHE E 63 34.15 -7.44 -14.79
C PHE E 63 33.58 -7.79 -13.43
N TYR E 64 32.56 -8.63 -13.44
CA TYR E 64 31.91 -9.11 -12.23
C TYR E 64 31.26 -10.47 -12.51
N LEU E 65 31.43 -11.39 -11.58
CA LEU E 65 30.90 -12.75 -11.67
C LEU E 65 30.40 -13.20 -10.29
N LEU E 66 29.37 -14.03 -10.29
CA LEU E 66 28.85 -14.56 -9.04
C LEU E 66 29.09 -16.07 -8.93
N TYR E 67 29.87 -16.49 -7.93
CA TYR E 67 30.11 -17.90 -7.69
C TYR E 67 29.21 -18.32 -6.54
N TYR E 68 28.59 -19.48 -6.66
CA TYR E 68 27.67 -19.95 -5.64
C TYR E 68 27.49 -21.45 -5.61
N THR E 69 27.15 -21.97 -4.43
CA THR E 69 26.92 -23.38 -4.23
C THR E 69 25.85 -23.52 -3.17
N GLU E 70 25.10 -24.61 -3.23
CA GLU E 70 24.04 -24.83 -2.26
C GLU E 70 24.72 -25.39 -1.02
N PHE E 71 24.25 -25.00 0.16
CA PHE E 71 24.85 -25.51 1.39
C PHE E 71 23.92 -25.34 2.59
N THR E 72 24.26 -26.03 3.68
CA THR E 72 23.48 -25.96 4.90
C THR E 72 24.38 -25.49 6.03
N PRO E 73 24.30 -24.20 6.40
CA PRO E 73 25.16 -23.74 7.48
C PRO E 73 24.96 -24.47 8.79
N THR E 74 26.08 -24.94 9.34
CA THR E 74 26.11 -25.65 10.61
C THR E 74 26.84 -24.69 11.56
N GLU E 75 26.70 -24.87 12.87
CA GLU E 75 27.36 -23.97 13.80
C GLU E 75 28.86 -24.20 13.86
N LYS E 76 29.29 -25.38 13.44
CA LYS E 76 30.70 -25.72 13.47
C LYS E 76 31.48 -25.45 12.19
N ASP E 77 30.79 -25.50 11.05
CA ASP E 77 31.45 -25.29 9.78
C ASP E 77 31.85 -23.88 9.42
N GLU E 78 33.06 -23.75 8.92
CA GLU E 78 33.60 -22.47 8.50
C GLU E 78 33.75 -22.51 6.98
N TYR E 79 33.45 -21.38 6.36
CA TYR E 79 33.52 -21.25 4.92
C TYR E 79 34.31 -20.01 4.54
N ALA E 80 34.83 -20.00 3.32
CA ALA E 80 35.62 -18.87 2.86
C ALA E 80 35.68 -18.84 1.35
N CYS E 81 36.25 -17.77 0.82
CA CYS E 81 36.38 -17.66 -0.62
C CYS E 81 37.81 -17.30 -0.97
N ARG E 82 38.46 -18.16 -1.73
CA ARG E 82 39.84 -17.92 -2.15
C ARG E 82 39.82 -17.48 -3.60
N VAL E 83 40.41 -16.32 -3.85
CA VAL E 83 40.45 -15.76 -5.19
C VAL E 83 41.88 -15.52 -5.66
N ASN E 84 42.10 -15.73 -6.95
CA ASN E 84 43.43 -15.48 -7.50
C ASN E 84 43.26 -14.81 -8.84
N HIS E 85 44.09 -13.80 -9.07
CA HIS E 85 44.01 -13.00 -10.28
C HIS E 85 45.39 -12.38 -10.49
N VAL E 86 45.68 -11.94 -11.71
CA VAL E 86 46.99 -11.36 -12.01
C VAL E 86 47.41 -10.19 -11.13
N THR E 87 46.45 -9.53 -10.48
CA THR E 87 46.80 -8.40 -9.61
C THR E 87 47.05 -8.79 -8.16
N LEU E 88 47.10 -10.09 -7.91
CA LEU E 88 47.32 -10.59 -6.56
C LEU E 88 48.56 -11.48 -6.50
N SER E 89 49.49 -11.15 -5.61
CA SER E 89 50.73 -11.91 -5.47
C SER E 89 50.48 -13.34 -4.98
N GLN E 90 49.53 -13.49 -4.07
CA GLN E 90 49.17 -14.81 -3.56
C GLN E 90 47.65 -14.91 -3.49
N PRO E 91 47.12 -16.13 -3.45
CA PRO E 91 45.66 -16.28 -3.39
C PRO E 91 45.12 -15.38 -2.28
N LYS E 92 43.96 -14.79 -2.52
CA LYS E 92 43.33 -13.92 -1.52
C LYS E 92 42.16 -14.72 -0.93
N ILE E 93 42.18 -14.89 0.39
CA ILE E 93 41.13 -15.64 1.06
C ILE E 93 40.27 -14.78 1.99
N VAL E 94 38.97 -14.75 1.74
CA VAL E 94 38.05 -13.98 2.58
C VAL E 94 37.08 -14.94 3.27
N LYS E 95 37.03 -14.87 4.60
CA LYS E 95 36.17 -15.74 5.39
C LYS E 95 34.71 -15.30 5.44
N TRP E 96 33.81 -16.27 5.51
CA TRP E 96 32.39 -16.00 5.61
C TRP E 96 32.13 -15.63 7.06
N ASP E 97 31.35 -14.58 7.26
CA ASP E 97 31.01 -14.11 8.59
C ASP E 97 29.50 -13.90 8.56
N ARG E 98 28.77 -14.67 9.35
CA ARG E 98 27.31 -14.55 9.38
C ARG E 98 26.82 -13.12 9.58
N ASP E 99 27.74 -12.19 9.84
CA ASP E 99 27.38 -10.79 10.06
C ASP E 99 27.87 -9.79 9.01
N MET E 100 28.18 -10.27 7.80
CA MET E 100 28.65 -9.43 6.70
C MET E 100 28.16 -9.94 5.33
N ILE F 1 16.19 -7.82 -28.72
CA ILE F 1 16.97 -8.65 -29.69
C ILE F 1 18.20 -7.90 -30.11
N LEU F 2 19.19 -8.66 -30.58
CA LEU F 2 20.45 -8.13 -31.04
C LEU F 2 20.26 -7.16 -32.19
N SER F 3 21.25 -6.30 -32.38
CA SER F 3 21.26 -5.34 -33.47
C SER F 3 21.78 -6.03 -34.74
N ALA F 4 21.44 -5.46 -35.90
CA ALA F 4 21.86 -6.05 -37.16
C ALA F 4 23.14 -5.44 -37.70
N LEU F 5 23.49 -4.25 -37.19
CA LEU F 5 24.69 -3.55 -37.63
C LEU F 5 25.89 -4.49 -37.76
N VAL F 6 26.82 -4.11 -38.61
CA VAL F 6 28.04 -4.86 -38.84
C VAL F 6 29.15 -3.84 -39.16
N GLY F 7 29.77 -3.29 -38.11
CA GLY F 7 30.82 -2.30 -38.35
C GLY F 7 32.11 -2.69 -37.66
N ILE F 8 33.12 -3.08 -38.44
CA ILE F 8 34.39 -3.49 -37.88
C ILE F 8 35.29 -2.30 -37.65
N LEU F 9 36.08 -2.38 -36.58
CA LEU F 9 37.00 -1.32 -36.22
C LEU F 9 37.91 -1.06 -37.40
#